data_2HP2
#
_entry.id   2HP2
#
_cell.length_a   66.772
_cell.length_b   109.079
_cell.length_c   124.072
_cell.angle_alpha   90.00
_cell.angle_beta   90.00
_cell.angle_gamma   90.00
#
_symmetry.space_group_name_H-M   'P 21 21 21'
#
loop_
_entity.id
_entity.type
_entity.pdbx_description
1 polymer 'Glutamate-1-semialdehyde 2,1-aminomutase (GSAM) hybrid-form'
2 non-polymer '(4R)-5-AMINO-4-[({3-HYDROXY-2-METHYL-5-[(PHOSPHONOOXY)METHYL]PYRIDIN-4-YL}METHYL)AMINO]PENTANOIC ACID'
3 non-polymer "PYRIDOXAL-5'-PHOSPHATE"
4 non-polymer '(4S)-4,5-DIAMINOPENTANOIC ACID'
5 water water
#
_entity_poly.entity_id   1
_entity_poly.type   'polypeptide(L)'
_entity_poly.pdbx_seq_one_letter_code
;VTSSPFKTIKSDEIFAAAQKLMPGGVSSPVRAFKSVGGQPIVFDRVKDAYAWDVDGNRYIDYVGTWGPAICGHAHPEVIE
ALKVAMEKGTSFGAPCALENVLAEMVNDAVPSIEMVRFVNSGTEACMAVLRIMRAYTGRDKIIKFEGCYHGHADMFLVKA
GSGVATLGLPSSPGVPKKTTANTLTTPYNDLEAVKALFAENPGEIAGVILEPIVGNSGFIVPDAGFLEGLREITLEHDAL
LVFDEVMTGFRIAYGGVQEKFGVTPDLTTLGKIIGGGLPVGAYGGKREIMQLVAPAGPMYQAGTLSGNPLAMTAGIKTLE
LLRQPGTYEYLDQITKRLSDGLLAIAQETGHAACGGQVSGMFGFFFTEGPVHNYEDAKKSDLQKFSRFHRGMLEQGIYLA
PSQFEAGFTSLAHTEEDIDATLAAARTVMSAL
;
_entity_poly.pdbx_strand_id   A,B
#
loop_
_chem_comp.id
_chem_comp.type
_chem_comp.name
_chem_comp.formula
HOZ non-polymer '(4S)-4,5-DIAMINOPENTANOIC ACID' 'C5 H12 N2 O2'
KE4 non-polymer '(4R)-5-AMINO-4-[({3-HYDROXY-2-METHYL-5-[(PHOSPHONOOXY)METHYL]PYRIDIN-4-YL}METHYL)AMINO]PENTANOIC ACID' 'C13 H22 N3 O7 P'
PLP non-polymer PYRIDOXAL-5'-PHOSPHATE 'C8 H10 N O6 P'
#
# COMPACT_ATOMS: atom_id res chain seq x y z
N PHE A 6 12.12 11.23 -34.55
CA PHE A 6 11.65 10.65 -33.27
C PHE A 6 12.13 9.21 -33.05
N LYS A 7 12.99 9.00 -32.05
CA LYS A 7 13.50 7.66 -31.76
C LYS A 7 13.39 7.33 -30.28
N THR A 8 13.31 6.04 -29.97
CA THR A 8 13.21 5.61 -28.58
C THR A 8 14.08 4.38 -28.32
N ILE A 9 15.22 4.35 -28.99
CA ILE A 9 16.16 3.25 -28.87
C ILE A 9 16.52 2.95 -27.41
N LYS A 10 16.90 3.98 -26.66
CA LYS A 10 17.28 3.81 -25.27
C LYS A 10 16.16 3.27 -24.40
N SER A 11 14.93 3.66 -24.70
CA SER A 11 13.79 3.17 -23.93
C SER A 11 13.55 1.71 -24.28
N ASP A 12 13.73 1.38 -25.56
CA ASP A 12 13.53 0.03 -26.04
C ASP A 12 14.50 -0.90 -25.34
N GLU A 13 15.76 -0.46 -25.27
CA GLU A 13 16.79 -1.25 -24.63
C GLU A 13 16.40 -1.54 -23.18
N ILE A 14 16.17 -0.48 -22.41
CA ILE A 14 15.81 -0.62 -21.02
C ILE A 14 14.59 -1.49 -20.79
N PHE A 15 13.54 -1.27 -21.57
CA PHE A 15 12.33 -2.06 -21.39
C PHE A 15 12.56 -3.52 -21.73
N ALA A 16 13.38 -3.76 -22.75
CA ALA A 16 13.67 -5.12 -23.17
C ALA A 16 14.30 -5.87 -21.99
N ALA A 17 15.10 -5.15 -21.22
CA ALA A 17 15.78 -5.73 -20.06
C ALA A 17 14.85 -5.97 -18.89
N ALA A 18 13.87 -5.08 -18.72
CA ALA A 18 12.91 -5.18 -17.61
C ALA A 18 12.01 -6.39 -17.76
N GLN A 19 11.77 -6.77 -19.00
CA GLN A 19 10.89 -7.91 -19.27
C GLN A 19 11.47 -9.20 -18.75
N LYS A 20 12.77 -9.19 -18.48
CA LYS A 20 13.43 -10.38 -17.97
C LYS A 20 13.53 -10.30 -16.44
N LEU A 21 13.33 -9.09 -15.92
CA LEU A 21 13.41 -8.84 -14.48
C LEU A 21 12.07 -8.76 -13.75
N MET A 22 11.07 -8.19 -14.40
CA MET A 22 9.77 -8.06 -13.76
C MET A 22 8.69 -8.57 -14.70
N PRO A 23 7.51 -8.92 -14.17
CA PRO A 23 6.42 -9.41 -15.02
C PRO A 23 5.96 -8.34 -16.01
N GLY A 24 6.15 -8.60 -17.29
CA GLY A 24 5.77 -7.62 -18.29
C GLY A 24 6.79 -6.50 -18.33
N GLY A 25 7.82 -6.60 -17.50
CA GLY A 25 8.84 -5.56 -17.45
C GLY A 25 8.31 -4.23 -16.94
N VAL A 26 7.31 -4.28 -16.06
CA VAL A 26 6.73 -3.08 -15.50
C VAL A 26 6.22 -3.35 -14.09
N SER A 27 6.01 -2.31 -13.31
CA SER A 27 5.53 -2.48 -11.96
C SER A 27 4.01 -2.44 -11.93
N SER A 28 3.42 -2.02 -13.04
CA SER A 28 1.97 -1.97 -13.14
C SER A 28 1.58 -2.20 -14.59
N PRO A 29 0.63 -3.11 -14.85
CA PRO A 29 0.14 -3.48 -16.17
C PRO A 29 0.02 -2.39 -17.25
N VAL A 30 -0.77 -1.34 -17.01
CA VAL A 30 -0.94 -0.29 -18.01
C VAL A 30 0.39 0.21 -18.59
N ARG A 31 1.40 0.31 -17.73
CA ARG A 31 2.72 0.81 -18.15
C ARG A 31 3.35 0.09 -19.31
N ALA A 32 2.88 -1.13 -19.59
CA ALA A 32 3.42 -1.95 -20.67
C ALA A 32 2.99 -1.50 -22.07
N PHE A 33 2.01 -0.60 -22.14
CA PHE A 33 1.56 -0.08 -23.43
C PHE A 33 0.90 -1.09 -24.36
N LYS A 34 0.48 -2.24 -23.84
CA LYS A 34 -0.11 -3.28 -24.69
C LYS A 34 -1.34 -2.89 -25.47
N SER A 35 -2.14 -1.97 -24.93
CA SER A 35 -3.35 -1.51 -25.62
C SER A 35 -3.06 -0.36 -26.60
N VAL A 36 -1.78 -0.13 -26.88
CA VAL A 36 -1.37 0.95 -27.78
C VAL A 36 -0.23 0.49 -28.72
N GLY A 37 -0.12 -0.82 -28.91
CA GLY A 37 0.92 -1.33 -29.79
C GLY A 37 2.22 -1.74 -29.12
N GLY A 38 2.23 -1.71 -27.79
CA GLY A 38 3.43 -2.08 -27.07
C GLY A 38 4.53 -1.04 -27.14
N GLN A 39 5.66 -1.36 -26.54
CA GLN A 39 6.82 -0.48 -26.52
C GLN A 39 6.58 0.91 -25.91
N PRO A 40 6.60 0.96 -24.57
CA PRO A 40 6.42 2.09 -23.66
C PRO A 40 7.68 2.93 -23.58
N ILE A 41 7.55 4.16 -23.09
CA ILE A 41 8.73 5.00 -22.98
C ILE A 41 9.19 5.12 -21.53
N VAL A 42 10.49 4.95 -21.34
CA VAL A 42 11.13 5.02 -20.03
C VAL A 42 11.42 6.47 -19.68
N PHE A 43 11.00 6.90 -18.50
CA PHE A 43 11.23 8.27 -18.07
C PHE A 43 12.54 8.40 -17.31
N ASP A 44 13.02 9.65 -17.22
CA ASP A 44 14.25 9.96 -16.51
C ASP A 44 13.99 11.07 -15.51
N ARG A 45 13.14 12.02 -15.88
CA ARG A 45 12.81 13.12 -15.00
C ARG A 45 11.54 13.82 -15.47
N VAL A 46 10.91 14.55 -14.56
CA VAL A 46 9.68 15.28 -14.88
C VAL A 46 9.72 16.60 -14.15
N LYS A 47 9.25 17.66 -14.80
CA LYS A 47 9.24 18.98 -14.18
C LYS A 47 8.00 19.73 -14.66
N ASP A 48 7.31 20.37 -13.72
CA ASP A 48 6.09 21.11 -14.04
C ASP A 48 5.11 20.28 -14.88
N ALA A 49 4.84 20.73 -16.10
CA ALA A 49 3.90 19.99 -16.94
C ALA A 49 4.60 19.09 -17.98
N TYR A 50 5.92 18.94 -17.84
CA TYR A 50 6.69 18.16 -18.81
C TYR A 50 7.35 16.91 -18.30
N ALA A 51 7.75 16.06 -19.25
CA ALA A 51 8.40 14.78 -18.96
C ALA A 51 9.56 14.61 -19.94
N TRP A 52 10.62 13.92 -19.50
CA TRP A 52 11.79 13.72 -20.34
C TRP A 52 12.25 12.28 -20.47
N ASP A 53 12.42 11.85 -21.71
CA ASP A 53 12.89 10.51 -22.09
C ASP A 53 14.26 10.16 -21.56
N VAL A 54 14.66 8.94 -21.90
CA VAL A 54 15.98 8.44 -21.55
C VAL A 54 16.71 8.59 -22.88
N ASP A 55 15.96 9.11 -23.85
CA ASP A 55 16.47 9.36 -25.19
C ASP A 55 16.52 10.87 -25.37
N GLY A 56 16.01 11.59 -24.37
CA GLY A 56 16.02 13.03 -24.41
C GLY A 56 14.75 13.70 -24.89
N ASN A 57 13.75 12.91 -25.27
CA ASN A 57 12.49 13.46 -25.74
C ASN A 57 11.71 14.17 -24.64
N ARG A 58 11.15 15.31 -25.01
CA ARG A 58 10.40 16.15 -24.10
C ARG A 58 8.92 15.96 -24.41
N TYR A 59 8.06 15.93 -23.39
CA TYR A 59 6.63 15.78 -23.63
C TYR A 59 5.77 16.70 -22.77
N ILE A 60 4.59 17.04 -23.28
CA ILE A 60 3.65 17.82 -22.46
C ILE A 60 2.81 16.67 -21.89
N ASP A 61 3.05 16.36 -20.63
CA ASP A 61 2.41 15.27 -19.92
C ASP A 61 0.97 15.53 -19.50
N TYR A 62 0.08 14.58 -19.79
CA TYR A 62 -1.34 14.67 -19.43
C TYR A 62 -1.79 13.50 -18.58
N VAL A 63 -0.79 12.76 -18.09
CA VAL A 63 -1.01 11.60 -17.23
C VAL A 63 -0.77 12.03 -15.78
N GLY A 64 0.13 12.98 -15.59
CA GLY A 64 0.45 13.48 -14.26
C GLY A 64 0.64 12.39 -13.26
N THR A 65 1.53 11.45 -13.57
CA THR A 65 1.82 10.30 -12.72
C THR A 65 0.52 9.64 -12.24
N TRP A 66 -0.53 9.84 -13.05
CA TRP A 66 -1.87 9.31 -12.81
C TRP A 66 -2.74 10.02 -11.76
N GLY A 67 -2.52 11.31 -11.53
CA GLY A 67 -3.34 12.02 -10.58
C GLY A 67 -2.65 12.85 -9.50
N PRO A 68 -1.54 12.36 -8.95
CA PRO A 68 -0.81 13.07 -7.89
C PRO A 68 -0.29 14.47 -8.21
N ALA A 69 0.13 14.70 -9.45
CA ALA A 69 0.72 15.99 -9.86
C ALA A 69 -0.21 17.15 -10.22
N ILE A 70 -1.26 17.38 -9.45
CA ILE A 70 -2.19 18.48 -9.75
C ILE A 70 -1.53 19.86 -9.58
N CYS A 71 -0.42 19.92 -8.86
CA CYS A 71 0.29 21.18 -8.67
C CYS A 71 1.51 21.20 -9.58
N GLY A 72 1.63 20.17 -10.42
CA GLY A 72 2.75 20.07 -11.34
C GLY A 72 3.81 19.13 -10.82
N HIS A 73 4.63 18.60 -11.72
CA HIS A 73 5.69 17.69 -11.34
C HIS A 73 6.79 18.42 -10.59
N ALA A 74 7.36 17.73 -9.59
CA ALA A 74 8.45 18.29 -8.81
C ALA A 74 8.25 19.77 -8.47
N HIS A 75 7.14 20.06 -7.80
CA HIS A 75 6.82 21.43 -7.40
C HIS A 75 7.83 21.90 -6.37
N PRO A 76 8.49 23.02 -6.66
CA PRO A 76 9.51 23.65 -5.82
C PRO A 76 9.25 23.64 -4.32
N GLU A 77 8.07 24.10 -3.90
CA GLU A 77 7.75 24.15 -2.49
C GLU A 77 7.50 22.77 -1.88
N VAL A 78 7.08 21.82 -2.70
CA VAL A 78 6.81 20.47 -2.22
C VAL A 78 8.11 19.72 -1.99
N ILE A 79 9.06 19.93 -2.90
CA ILE A 79 10.35 19.28 -2.79
C ILE A 79 11.10 19.88 -1.61
N GLU A 80 11.02 21.20 -1.47
CA GLU A 80 11.72 21.85 -0.38
C GLU A 80 11.19 21.35 0.95
N ALA A 81 9.86 21.24 1.05
CA ALA A 81 9.25 20.75 2.27
C ALA A 81 9.67 19.32 2.56
N LEU A 82 10.01 18.57 1.51
CA LEU A 82 10.42 17.18 1.65
C LEU A 82 11.85 17.04 2.13
N LYS A 83 12.76 17.80 1.53
CA LYS A 83 14.16 17.74 1.93
C LYS A 83 14.23 18.02 3.43
N VAL A 84 13.77 19.21 3.79
CA VAL A 84 13.76 19.65 5.17
C VAL A 84 13.23 18.54 6.07
N ALA A 85 12.15 17.91 5.62
CA ALA A 85 11.50 16.85 6.38
C ALA A 85 12.32 15.57 6.51
N MET A 86 12.92 15.10 5.43
CA MET A 86 13.69 13.87 5.53
C MET A 86 14.92 14.00 6.41
N GLU A 87 15.20 15.22 6.87
CA GLU A 87 16.35 15.42 7.73
C GLU A 87 16.02 14.87 9.12
N LYS A 88 14.72 14.89 9.45
CA LYS A 88 14.24 14.42 10.74
C LYS A 88 13.78 12.96 10.69
N GLY A 89 14.13 12.27 9.60
CA GLY A 89 13.76 10.88 9.43
C GLY A 89 12.67 10.68 8.40
N THR A 90 12.74 9.57 7.66
CA THR A 90 11.73 9.29 6.65
C THR A 90 10.59 8.40 7.15
N SER A 91 10.67 7.96 8.40
CA SER A 91 9.62 7.12 8.96
C SER A 91 9.94 6.83 10.42
N PHE A 92 8.97 7.01 11.31
CA PHE A 92 9.18 6.78 12.73
C PHE A 92 8.58 5.47 13.20
N GLY A 93 7.41 5.13 12.66
CA GLY A 93 6.73 3.91 13.05
C GLY A 93 5.99 4.17 14.34
N ALA A 94 5.67 5.43 14.56
CA ALA A 94 4.98 5.88 15.76
C ALA A 94 4.26 7.18 15.40
N PRO A 95 3.49 7.74 16.35
CA PRO A 95 2.75 8.97 16.13
C PRO A 95 3.64 10.18 15.94
N CYS A 96 3.16 11.15 15.17
CA CYS A 96 3.87 12.40 14.92
C CYS A 96 2.86 13.52 14.66
N ALA A 97 3.24 14.75 15.00
CA ALA A 97 2.39 15.93 14.82
C ALA A 97 1.79 16.09 13.43
N LEU A 98 2.58 15.75 12.40
CA LEU A 98 2.12 15.86 11.01
C LEU A 98 0.85 15.07 10.68
N GLU A 99 0.68 13.90 11.29
CA GLU A 99 -0.50 13.11 11.02
C GLU A 99 -1.73 13.92 11.41
N ASN A 100 -1.65 14.54 12.59
CA ASN A 100 -2.74 15.39 13.12
C ASN A 100 -3.07 16.54 12.17
N VAL A 101 -2.04 17.27 11.73
CA VAL A 101 -2.25 18.37 10.81
C VAL A 101 -3.07 17.93 9.59
N LEU A 102 -2.54 16.93 8.86
CA LEU A 102 -3.17 16.38 7.66
C LEU A 102 -4.56 15.81 7.91
N ALA A 103 -4.70 15.05 8.99
CA ALA A 103 -5.99 14.47 9.33
C ALA A 103 -6.95 15.65 9.41
N GLU A 104 -6.53 16.71 10.10
CA GLU A 104 -7.36 17.89 10.25
C GLU A 104 -7.75 18.51 8.91
N MET A 105 -6.75 18.70 8.06
CA MET A 105 -6.97 19.30 6.75
C MET A 105 -7.94 18.46 5.92
N VAL A 106 -7.76 17.14 5.96
CA VAL A 106 -8.63 16.24 5.24
C VAL A 106 -10.05 16.33 5.80
N ASN A 107 -10.17 16.44 7.12
CA ASN A 107 -11.49 16.55 7.74
C ASN A 107 -12.20 17.84 7.32
N ASP A 108 -11.49 18.98 7.35
CA ASP A 108 -12.08 20.24 6.95
C ASP A 108 -12.46 20.21 5.47
N ALA A 109 -11.62 19.56 4.67
CA ALA A 109 -11.81 19.46 3.21
C ALA A 109 -13.02 18.65 2.74
N VAL A 110 -13.04 17.37 3.11
CA VAL A 110 -14.13 16.49 2.71
C VAL A 110 -15.28 16.48 3.70
N PRO A 111 -16.49 16.85 3.23
CA PRO A 111 -17.69 16.88 4.09
C PRO A 111 -17.96 15.59 4.86
N SER A 112 -18.26 14.53 4.14
CA SER A 112 -18.55 13.25 4.79
C SER A 112 -17.52 12.79 5.81
N ILE A 113 -16.29 13.26 5.66
CA ILE A 113 -15.19 12.87 6.52
C ILE A 113 -15.03 13.69 7.79
N GLU A 114 -15.30 13.07 8.94
CA GLU A 114 -15.18 13.73 10.26
C GLU A 114 -14.16 12.99 11.11
N MET A 115 -13.68 11.88 10.54
CA MET A 115 -12.65 11.04 11.13
C MET A 115 -12.03 10.26 9.97
N VAL A 116 -10.71 10.29 9.85
CA VAL A 116 -10.01 9.62 8.76
C VAL A 116 -8.89 8.71 9.25
N ARG A 117 -8.46 7.80 8.38
CA ARG A 117 -7.39 6.88 8.67
C ARG A 117 -6.50 6.80 7.43
N PHE A 118 -5.20 7.04 7.60
CA PHE A 118 -4.29 6.99 6.47
C PHE A 118 -3.78 5.59 6.20
N VAL A 119 -3.50 5.32 4.93
CA VAL A 119 -2.98 4.04 4.46
C VAL A 119 -1.90 4.35 3.43
N ASN A 120 -1.51 3.36 2.63
CA ASN A 120 -0.43 3.61 1.68
C ASN A 120 -0.72 3.61 0.20
N SER A 121 -1.94 3.25 -0.17
CA SER A 121 -2.32 3.22 -1.57
C SER A 121 -3.83 3.23 -1.65
N GLY A 122 -4.34 3.38 -2.87
CA GLY A 122 -5.78 3.36 -3.04
C GLY A 122 -6.32 1.97 -2.69
N THR A 123 -5.61 0.93 -3.13
CA THR A 123 -6.02 -0.44 -2.87
C THR A 123 -6.22 -0.72 -1.39
N GLU A 124 -5.35 -0.16 -0.54
CA GLU A 124 -5.50 -0.37 0.90
C GLU A 124 -6.73 0.35 1.41
N ALA A 125 -6.94 1.57 0.95
CA ALA A 125 -8.10 2.32 1.39
C ALA A 125 -9.38 1.61 0.98
N CYS A 126 -9.48 1.23 -0.29
CA CYS A 126 -10.68 0.58 -0.78
C CYS A 126 -10.97 -0.77 -0.15
N MET A 127 -9.93 -1.57 0.12
CA MET A 127 -10.18 -2.88 0.73
C MET A 127 -10.59 -2.74 2.21
N ALA A 128 -10.11 -1.68 2.84
CA ALA A 128 -10.44 -1.43 4.22
C ALA A 128 -11.84 -0.78 4.33
N VAL A 129 -12.18 0.05 3.36
CA VAL A 129 -13.48 0.71 3.39
C VAL A 129 -14.54 -0.33 3.10
N LEU A 130 -14.15 -1.33 2.32
CA LEU A 130 -15.05 -2.42 1.95
C LEU A 130 -15.34 -3.24 3.21
N ARG A 131 -14.31 -3.42 4.03
CA ARG A 131 -14.44 -4.19 5.25
C ARG A 131 -15.27 -3.45 6.27
N ILE A 132 -15.01 -2.16 6.44
CA ILE A 132 -15.74 -1.33 7.42
C ILE A 132 -17.17 -1.24 6.94
N MET A 133 -17.34 -1.28 5.62
CA MET A 133 -18.66 -1.21 5.02
C MET A 133 -19.47 -2.37 5.52
N ARG A 134 -18.86 -3.55 5.52
CA ARG A 134 -19.52 -4.77 5.96
C ARG A 134 -19.60 -4.92 7.49
N ALA A 135 -18.55 -4.52 8.20
CA ALA A 135 -18.53 -4.64 9.64
C ALA A 135 -19.57 -3.75 10.33
N TYR A 136 -19.79 -2.56 9.80
CA TYR A 136 -20.76 -1.65 10.39
C TYR A 136 -22.19 -2.15 10.20
N THR A 137 -22.50 -2.61 8.99
CA THR A 137 -23.86 -3.06 8.65
C THR A 137 -24.15 -4.51 8.97
N GLY A 138 -23.11 -5.34 8.98
CA GLY A 138 -23.32 -6.76 9.25
C GLY A 138 -23.70 -7.54 8.01
N ARG A 139 -23.94 -6.85 6.90
CA ARG A 139 -24.30 -7.49 5.63
C ARG A 139 -23.04 -7.78 4.80
N ASP A 140 -23.07 -8.87 4.05
CA ASP A 140 -21.91 -9.27 3.25
C ASP A 140 -21.85 -8.72 1.83
N LYS A 141 -22.97 -8.71 1.13
CA LYS A 141 -22.99 -8.24 -0.24
C LYS A 141 -22.69 -6.75 -0.44
N ILE A 142 -22.08 -6.46 -1.59
CA ILE A 142 -21.65 -5.12 -1.98
C ILE A 142 -22.00 -4.84 -3.45
N ILE A 143 -22.29 -3.59 -3.78
CA ILE A 143 -22.62 -3.24 -5.16
C ILE A 143 -21.64 -2.24 -5.76
N LYS A 144 -21.07 -2.58 -6.92
CA LYS A 144 -20.15 -1.69 -7.62
C LYS A 144 -20.60 -1.59 -9.07
N PHE A 145 -20.02 -0.65 -9.81
CA PHE A 145 -20.43 -0.47 -11.19
C PHE A 145 -19.38 -0.95 -12.19
N GLU A 146 -19.86 -1.48 -13.31
CA GLU A 146 -18.99 -1.98 -14.36
C GLU A 146 -18.24 -0.80 -14.92
N GLY A 147 -16.92 -0.91 -14.96
CA GLY A 147 -16.11 0.17 -15.47
C GLY A 147 -15.35 0.85 -14.34
N CYS A 148 -15.94 0.87 -13.15
CA CYS A 148 -15.28 1.48 -12.00
C CYS A 148 -14.11 0.64 -11.50
N TYR A 149 -13.19 1.28 -10.79
CA TYR A 149 -12.04 0.57 -10.28
C TYR A 149 -11.72 1.00 -8.85
N HIS A 150 -11.49 0.01 -8.00
CA HIS A 150 -11.18 0.26 -6.60
C HIS A 150 -9.96 -0.51 -6.14
N GLY A 151 -9.10 -0.87 -7.08
CA GLY A 151 -7.91 -1.62 -6.71
C GLY A 151 -8.04 -3.11 -7.00
N HIS A 152 -6.94 -3.85 -6.83
CA HIS A 152 -6.94 -5.29 -7.10
C HIS A 152 -7.31 -6.16 -5.90
N ALA A 153 -7.99 -5.58 -4.91
CA ALA A 153 -8.41 -6.40 -3.78
C ALA A 153 -9.32 -7.44 -4.44
N ASP A 154 -9.18 -8.69 -4.03
CA ASP A 154 -9.92 -9.80 -4.58
C ASP A 154 -11.39 -9.62 -4.88
N MET A 155 -12.16 -9.03 -3.96
CA MET A 155 -13.61 -8.87 -4.20
C MET A 155 -13.98 -7.98 -5.37
N PHE A 156 -13.06 -7.13 -5.81
CA PHE A 156 -13.32 -6.22 -6.93
C PHE A 156 -12.87 -6.85 -8.24
N LEU A 157 -12.23 -8.00 -8.15
CA LEU A 157 -11.76 -8.70 -9.33
C LEU A 157 -12.85 -9.63 -9.81
N VAL A 158 -14.02 -9.04 -9.97
CA VAL A 158 -15.24 -9.72 -10.40
C VAL A 158 -15.65 -9.29 -11.81
N LYS A 159 -15.97 -10.29 -12.63
CA LYS A 159 -16.39 -10.08 -14.01
C LYS A 159 -17.66 -9.25 -14.09
N ALA A 160 -17.61 -8.20 -14.92
CA ALA A 160 -18.76 -7.32 -15.10
C ALA A 160 -19.25 -7.38 -16.55
N GLY A 161 -20.51 -7.02 -16.74
CA GLY A 161 -21.12 -7.03 -18.06
C GLY A 161 -22.46 -7.72 -17.99
N SER A 162 -23.39 -7.33 -18.86
CA SER A 162 -24.71 -7.94 -18.86
C SER A 162 -24.60 -9.45 -19.04
N GLY A 163 -25.43 -10.19 -18.31
CA GLY A 163 -25.39 -11.63 -18.39
C GLY A 163 -24.57 -12.25 -17.29
N VAL A 164 -23.91 -11.40 -16.49
CA VAL A 164 -23.09 -11.86 -15.37
C VAL A 164 -23.06 -10.91 -14.17
N ALA A 165 -24.02 -10.00 -14.11
CA ALA A 165 -24.08 -9.04 -13.02
C ALA A 165 -23.97 -9.66 -11.61
N THR A 166 -24.94 -10.49 -11.22
CA THR A 166 -24.91 -11.11 -9.89
C THR A 166 -24.22 -12.46 -9.91
N LEU A 167 -23.74 -12.85 -11.07
CA LEU A 167 -23.05 -14.12 -11.23
C LEU A 167 -21.73 -14.10 -10.45
N GLY A 168 -21.33 -12.92 -10.02
CA GLY A 168 -20.10 -12.76 -9.25
C GLY A 168 -18.93 -13.64 -9.66
N LEU A 169 -18.64 -13.65 -10.96
CA LEU A 169 -17.57 -14.45 -11.53
C LEU A 169 -16.22 -13.76 -11.48
N PRO A 170 -15.20 -14.47 -11.00
CA PRO A 170 -13.84 -13.91 -10.91
C PRO A 170 -13.22 -13.68 -12.28
N SER A 171 -12.94 -12.42 -12.58
CA SER A 171 -12.34 -12.04 -13.87
C SER A 171 -10.82 -12.10 -13.80
N SER A 172 -10.29 -13.00 -12.98
CA SER A 172 -8.86 -13.14 -12.83
C SER A 172 -8.56 -14.46 -12.11
N PRO A 173 -7.52 -15.17 -12.53
CA PRO A 173 -7.22 -16.42 -11.82
C PRO A 173 -6.55 -16.11 -10.48
N GLY A 174 -6.58 -17.08 -9.56
CA GLY A 174 -5.96 -16.86 -8.26
C GLY A 174 -6.94 -16.45 -7.19
N VAL A 175 -8.10 -15.95 -7.61
CA VAL A 175 -9.13 -15.53 -6.66
C VAL A 175 -10.28 -16.52 -6.70
N PRO A 176 -10.63 -17.09 -5.53
CA PRO A 176 -11.71 -18.07 -5.35
C PRO A 176 -13.07 -17.52 -5.74
N LYS A 177 -13.98 -18.41 -6.10
CA LYS A 177 -15.31 -17.98 -6.51
C LYS A 177 -16.08 -17.39 -5.33
N LYS A 178 -15.91 -18.03 -4.17
CA LYS A 178 -16.58 -17.64 -2.94
C LYS A 178 -16.49 -16.15 -2.62
N THR A 179 -15.35 -15.56 -2.91
CA THR A 179 -15.11 -14.14 -2.64
C THR A 179 -15.92 -13.16 -3.49
N THR A 180 -15.86 -13.32 -4.81
CA THR A 180 -16.57 -12.42 -5.70
C THR A 180 -18.06 -12.68 -5.72
N ALA A 181 -18.48 -13.75 -5.04
CA ALA A 181 -19.90 -14.11 -5.00
C ALA A 181 -20.78 -13.05 -4.37
N ASN A 182 -20.22 -12.30 -3.43
CA ASN A 182 -20.97 -11.25 -2.74
C ASN A 182 -20.82 -9.91 -3.42
N THR A 183 -20.14 -9.91 -4.57
CA THR A 183 -19.91 -8.70 -5.33
C THR A 183 -20.91 -8.61 -6.49
N LEU A 184 -21.97 -7.84 -6.28
CA LEU A 184 -23.01 -7.63 -7.30
C LEU A 184 -22.63 -6.39 -8.12
N THR A 185 -22.72 -6.48 -9.45
CA THR A 185 -22.35 -5.34 -10.29
C THR A 185 -23.52 -4.82 -11.12
N THR A 186 -23.36 -3.62 -11.67
CA THR A 186 -24.40 -3.02 -12.49
C THR A 186 -23.87 -1.84 -13.33
N PRO A 187 -24.60 -1.45 -14.40
CA PRO A 187 -24.19 -0.35 -15.27
C PRO A 187 -24.15 1.02 -14.60
N TYR A 188 -23.08 1.77 -14.84
CA TYR A 188 -22.94 3.10 -14.26
C TYR A 188 -24.14 3.96 -14.70
N ASN A 189 -24.52 4.93 -13.89
CA ASN A 189 -25.65 5.79 -14.22
C ASN A 189 -26.94 5.01 -14.52
N ASP A 190 -27.23 4.01 -13.70
CA ASP A 190 -28.43 3.19 -13.85
C ASP A 190 -29.12 2.95 -12.50
N LEU A 191 -29.87 3.93 -12.02
CA LEU A 191 -30.55 3.81 -10.75
C LEU A 191 -31.46 2.60 -10.68
N GLU A 192 -32.17 2.29 -11.76
CA GLU A 192 -33.07 1.15 -11.76
C GLU A 192 -32.35 -0.17 -11.56
N ALA A 193 -31.20 -0.31 -12.21
CA ALA A 193 -30.40 -1.53 -12.10
C ALA A 193 -29.98 -1.74 -10.64
N VAL A 194 -29.78 -0.64 -9.93
CA VAL A 194 -29.40 -0.68 -8.53
C VAL A 194 -30.62 -1.01 -7.68
N LYS A 195 -31.73 -0.35 -7.97
CA LYS A 195 -32.96 -0.59 -7.24
C LYS A 195 -33.36 -2.07 -7.28
N ALA A 196 -33.07 -2.73 -8.38
CA ALA A 196 -33.40 -4.15 -8.53
C ALA A 196 -32.50 -5.01 -7.66
N LEU A 197 -31.20 -4.70 -7.63
CA LEU A 197 -30.25 -5.47 -6.85
C LEU A 197 -30.62 -5.53 -5.37
N PHE A 198 -31.26 -4.48 -4.88
CA PHE A 198 -31.69 -4.42 -3.49
C PHE A 198 -32.95 -5.28 -3.30
N ALA A 199 -33.73 -5.43 -4.36
CA ALA A 199 -34.94 -6.22 -4.29
C ALA A 199 -34.60 -7.72 -4.33
N GLU A 200 -33.63 -8.08 -5.15
CA GLU A 200 -33.22 -9.46 -5.27
C GLU A 200 -32.44 -9.92 -4.05
N ASN A 201 -31.83 -8.97 -3.35
CA ASN A 201 -31.04 -9.32 -2.17
C ASN A 201 -31.43 -8.50 -0.94
N PRO A 202 -32.68 -8.65 -0.46
CA PRO A 202 -33.15 -7.91 0.71
C PRO A 202 -32.39 -8.19 2.00
N GLY A 203 -32.02 -7.09 2.68
CA GLY A 203 -31.29 -7.17 3.93
C GLY A 203 -29.87 -7.68 3.81
N GLU A 204 -29.41 -7.94 2.59
CA GLU A 204 -28.07 -8.46 2.39
C GLU A 204 -27.06 -7.47 1.82
N ILE A 205 -27.53 -6.35 1.32
CA ILE A 205 -26.61 -5.37 0.74
C ILE A 205 -26.13 -4.32 1.73
N ALA A 206 -24.83 -4.37 2.05
CA ALA A 206 -24.20 -3.44 2.97
C ALA A 206 -24.16 -2.01 2.43
N GLY A 207 -23.88 -1.87 1.15
CA GLY A 207 -23.83 -0.55 0.57
C GLY A 207 -23.35 -0.55 -0.86
N VAL A 208 -23.30 0.65 -1.43
CA VAL A 208 -22.85 0.85 -2.80
C VAL A 208 -21.56 1.64 -2.81
N ILE A 209 -20.61 1.23 -3.65
CA ILE A 209 -19.34 1.93 -3.78
C ILE A 209 -19.24 2.35 -5.23
N LEU A 210 -18.64 3.51 -5.48
CA LEU A 210 -18.50 3.98 -6.86
C LEU A 210 -17.59 5.19 -6.98
N GLU A 211 -17.22 5.51 -8.21
CA GLU A 211 -16.41 6.69 -8.46
C GLU A 211 -17.44 7.80 -8.68
N PRO A 212 -17.46 8.81 -7.79
CA PRO A 212 -18.43 9.90 -7.94
C PRO A 212 -18.41 10.44 -9.37
N ILE A 213 -17.27 10.23 -10.03
CA ILE A 213 -17.05 10.58 -11.45
C ILE A 213 -16.05 9.54 -11.90
N VAL A 214 -16.36 8.85 -12.99
CA VAL A 214 -15.48 7.81 -13.46
C VAL A 214 -14.24 8.36 -14.13
N GLY A 215 -13.17 7.57 -14.04
CA GLY A 215 -11.92 7.93 -14.65
C GLY A 215 -11.29 6.66 -15.18
N ASN A 216 -11.80 5.52 -14.72
CA ASN A 216 -11.26 4.23 -15.11
C ASN A 216 -11.96 3.50 -16.25
N SER A 217 -12.69 4.24 -17.05
CA SER A 217 -13.38 3.68 -18.21
C SER A 217 -13.43 4.81 -19.21
N GLY A 218 -12.52 5.77 -19.01
CA GLY A 218 -12.48 6.96 -19.82
C GLY A 218 -13.17 7.91 -18.88
N PHE A 219 -13.38 9.16 -19.29
CA PHE A 219 -14.04 10.12 -18.43
C PHE A 219 -15.55 9.92 -18.56
N ILE A 220 -16.22 9.70 -17.43
CA ILE A 220 -17.67 9.51 -17.38
C ILE A 220 -18.27 10.22 -16.17
N VAL A 221 -19.17 11.16 -16.42
CA VAL A 221 -19.80 11.90 -15.34
C VAL A 221 -21.21 11.41 -15.08
N PRO A 222 -21.66 11.51 -13.82
CA PRO A 222 -23.00 11.06 -13.44
C PRO A 222 -24.14 11.87 -14.07
N ASP A 223 -25.25 11.21 -14.40
CA ASP A 223 -26.38 11.92 -14.97
C ASP A 223 -27.15 12.57 -13.83
N ALA A 224 -28.04 13.49 -14.16
CA ALA A 224 -28.82 14.20 -13.15
C ALA A 224 -29.55 13.22 -12.24
N GLY A 225 -29.46 13.47 -10.93
CA GLY A 225 -30.14 12.64 -9.95
C GLY A 225 -29.58 11.25 -9.71
N PHE A 226 -28.50 10.89 -10.38
CA PHE A 226 -27.93 9.56 -10.18
C PHE A 226 -27.30 9.45 -8.80
N LEU A 227 -26.40 10.37 -8.48
CA LEU A 227 -25.75 10.34 -7.18
C LEU A 227 -26.80 10.64 -6.11
N GLU A 228 -27.58 11.68 -6.32
CA GLU A 228 -28.64 12.05 -5.38
C GLU A 228 -29.51 10.82 -5.15
N GLY A 229 -29.70 10.04 -6.22
CA GLY A 229 -30.50 8.83 -6.16
C GLY A 229 -29.83 7.70 -5.39
N LEU A 230 -28.55 7.48 -5.63
CA LEU A 230 -27.83 6.42 -4.92
C LEU A 230 -27.85 6.71 -3.42
N ARG A 231 -28.08 7.97 -3.07
CA ARG A 231 -28.13 8.37 -1.68
C ARG A 231 -29.50 8.11 -1.05
N GLU A 232 -30.55 8.17 -1.87
CA GLU A 232 -31.89 7.93 -1.37
C GLU A 232 -32.11 6.44 -1.17
N ILE A 233 -31.77 5.64 -2.19
CA ILE A 233 -31.98 4.20 -2.09
C ILE A 233 -31.12 3.53 -1.02
N THR A 234 -29.92 4.03 -0.76
CA THR A 234 -29.11 3.41 0.27
C THR A 234 -29.73 3.71 1.63
N LEU A 235 -30.09 4.97 1.86
CA LEU A 235 -30.72 5.32 3.13
C LEU A 235 -31.96 4.44 3.33
N GLU A 236 -32.78 4.36 2.30
CA GLU A 236 -34.01 3.58 2.33
C GLU A 236 -33.81 2.19 2.89
N HIS A 237 -32.71 1.54 2.52
CA HIS A 237 -32.43 0.19 3.00
C HIS A 237 -31.38 0.19 4.08
N ASP A 238 -31.17 1.35 4.69
CA ASP A 238 -30.17 1.49 5.74
C ASP A 238 -28.87 0.80 5.33
N ALA A 239 -28.32 1.24 4.22
CA ALA A 239 -27.07 0.73 3.69
C ALA A 239 -26.14 1.92 3.47
N LEU A 240 -24.84 1.68 3.46
CA LEU A 240 -23.85 2.73 3.29
C LEU A 240 -23.60 3.13 1.83
N LEU A 241 -23.25 4.40 1.64
CA LEU A 241 -22.92 4.92 0.32
C LEU A 241 -21.45 5.31 0.41
N VAL A 242 -20.64 4.70 -0.44
CA VAL A 242 -19.21 4.95 -0.44
C VAL A 242 -18.71 5.56 -1.72
N PHE A 243 -17.98 6.66 -1.55
CA PHE A 243 -17.39 7.38 -2.68
C PHE A 243 -15.90 7.12 -2.75
N ASP A 244 -15.48 6.49 -3.84
CA ASP A 244 -14.07 6.23 -4.02
C ASP A 244 -13.53 7.47 -4.74
N GLU A 245 -12.99 8.41 -3.96
CA GLU A 245 -12.44 9.65 -4.52
C GLU A 245 -10.93 9.61 -4.59
N VAL A 246 -10.38 8.44 -4.85
CA VAL A 246 -8.93 8.29 -4.96
C VAL A 246 -8.43 9.16 -6.12
N MET A 247 -9.11 9.06 -7.25
CA MET A 247 -8.76 9.82 -8.44
C MET A 247 -9.33 11.23 -8.42
N THR A 248 -10.60 11.35 -8.04
CA THR A 248 -11.30 12.65 -8.01
C THR A 248 -10.99 13.55 -6.82
N GLY A 249 -10.71 12.93 -5.67
CA GLY A 249 -10.41 13.70 -4.48
C GLY A 249 -9.39 14.78 -4.71
N PHE A 250 -9.72 15.99 -4.26
CA PHE A 250 -8.86 17.17 -4.40
C PHE A 250 -8.51 17.55 -5.84
N ARG A 251 -9.28 17.05 -6.81
CA ARG A 251 -9.01 17.35 -8.21
C ARG A 251 -10.24 17.97 -8.89
N ILE A 252 -11.39 17.33 -8.74
CA ILE A 252 -12.64 17.83 -9.31
C ILE A 252 -13.01 19.08 -8.51
N ALA A 253 -12.53 19.13 -7.29
CA ALA A 253 -12.77 20.24 -6.38
C ALA A 253 -12.02 19.96 -5.08
N TYR A 254 -11.83 20.97 -4.25
CA TYR A 254 -11.09 20.78 -2.99
C TYR A 254 -11.74 19.65 -2.18
N GLY A 255 -13.07 19.71 -2.09
CA GLY A 255 -13.82 18.72 -1.34
C GLY A 255 -14.26 17.54 -2.18
N GLY A 256 -13.69 17.40 -3.37
CA GLY A 256 -14.03 16.28 -4.23
C GLY A 256 -15.40 16.42 -4.86
N VAL A 257 -15.86 15.34 -5.49
CA VAL A 257 -17.17 15.37 -6.14
C VAL A 257 -18.31 15.64 -5.17
N GLN A 258 -18.22 15.08 -3.96
CA GLN A 258 -19.27 15.26 -2.96
C GLN A 258 -19.53 16.71 -2.60
N GLU A 259 -18.49 17.55 -2.69
CA GLU A 259 -18.63 18.97 -2.39
C GLU A 259 -19.17 19.71 -3.61
N LYS A 260 -18.65 19.37 -4.78
CA LYS A 260 -19.09 20.04 -6.00
C LYS A 260 -20.54 19.73 -6.35
N PHE A 261 -20.93 18.47 -6.29
CA PHE A 261 -22.29 18.08 -6.63
C PHE A 261 -23.20 17.91 -5.42
N GLY A 262 -22.75 18.44 -4.29
CA GLY A 262 -23.50 18.42 -3.06
C GLY A 262 -24.18 17.15 -2.60
N VAL A 263 -23.50 16.00 -2.69
CA VAL A 263 -24.05 14.72 -2.24
C VAL A 263 -23.06 14.17 -1.22
N THR A 264 -23.54 13.99 0.01
CA THR A 264 -22.68 13.48 1.08
C THR A 264 -22.82 11.98 1.34
N PRO A 265 -21.73 11.23 1.22
CA PRO A 265 -21.75 9.79 1.45
C PRO A 265 -21.44 9.46 2.91
N ASP A 266 -21.50 8.18 3.26
CA ASP A 266 -21.19 7.74 4.62
C ASP A 266 -19.67 7.59 4.79
N LEU A 267 -19.03 7.01 3.78
CA LEU A 267 -17.59 6.78 3.79
C LEU A 267 -17.01 7.20 2.45
N THR A 268 -15.74 7.59 2.46
CA THR A 268 -15.07 7.97 1.22
C THR A 268 -13.56 7.70 1.25
N THR A 269 -13.05 7.15 0.15
CA THR A 269 -11.64 6.82 0.03
C THR A 269 -10.88 7.91 -0.71
N LEU A 270 -9.62 8.11 -0.34
CA LEU A 270 -8.78 9.11 -0.96
C LEU A 270 -7.42 8.52 -1.23
N GLY A 271 -6.61 9.25 -1.99
CA GLY A 271 -5.27 8.79 -2.30
C GLY A 271 -4.66 9.74 -3.28
N LYS A 272 -3.73 9.22 -4.08
CA LYS A 272 -3.02 10.00 -5.10
C LYS A 272 -2.59 11.43 -4.72
N ILE A 273 -3.42 12.42 -4.97
CA ILE A 273 -3.05 13.79 -4.62
C ILE A 273 -2.61 14.03 -3.18
N ILE A 274 -3.25 13.38 -2.21
CA ILE A 274 -2.85 13.61 -0.82
C ILE A 274 -1.48 13.03 -0.46
N GLY A 275 -0.83 12.41 -1.44
CA GLY A 275 0.49 11.85 -1.22
C GLY A 275 1.52 12.80 -1.79
N GLY A 276 1.05 13.74 -2.58
CA GLY A 276 1.92 14.73 -3.21
C GLY A 276 3.00 14.09 -4.06
N GLY A 277 2.84 12.80 -4.37
CA GLY A 277 3.83 12.11 -5.17
C GLY A 277 4.46 10.93 -4.44
N LEU A 278 3.92 10.63 -3.26
CA LEU A 278 4.40 9.52 -2.45
C LEU A 278 3.23 8.56 -2.25
N PRO A 279 3.53 7.31 -1.88
CA PRO A 279 2.47 6.32 -1.66
C PRO A 279 1.65 6.68 -0.44
N VAL A 280 0.41 7.07 -0.67
CA VAL A 280 -0.45 7.45 0.43
C VAL A 280 -1.87 7.06 0.10
N GLY A 281 -2.65 6.89 1.15
CA GLY A 281 -4.04 6.54 0.98
C GLY A 281 -4.79 6.97 2.23
N ALA A 282 -6.10 6.90 2.18
CA ALA A 282 -6.91 7.25 3.32
C ALA A 282 -8.37 6.90 3.12
N TYR A 283 -9.00 6.45 4.19
CA TYR A 283 -10.41 6.15 4.17
C TYR A 283 -10.98 6.74 5.44
N GLY A 284 -12.04 7.53 5.29
CA GLY A 284 -12.65 8.15 6.44
C GLY A 284 -14.12 8.48 6.23
N GLY A 285 -14.64 9.33 7.12
CA GLY A 285 -16.02 9.71 7.01
C GLY A 285 -16.75 9.79 8.33
N LYS A 286 -18.02 9.41 8.29
CA LYS A 286 -18.92 9.42 9.43
C LYS A 286 -18.34 8.82 10.71
N ARG A 287 -18.05 9.72 11.65
CA ARG A 287 -17.48 9.43 12.95
C ARG A 287 -17.88 8.08 13.56
N GLU A 288 -19.19 7.90 13.74
CA GLU A 288 -19.76 6.69 14.33
C GLU A 288 -19.51 5.41 13.53
N ILE A 289 -18.98 5.54 12.33
CA ILE A 289 -18.69 4.35 11.53
C ILE A 289 -17.20 4.03 11.64
N MET A 290 -16.38 5.08 11.72
CA MET A 290 -14.94 4.92 11.83
C MET A 290 -14.54 4.38 13.18
N GLN A 291 -15.33 4.63 14.21
CA GLN A 291 -14.97 4.13 15.53
C GLN A 291 -14.81 2.62 15.58
N LEU A 292 -15.24 1.93 14.53
CA LEU A 292 -15.13 0.46 14.48
C LEU A 292 -13.73 0.05 14.03
N VAL A 293 -12.96 1.04 13.60
CA VAL A 293 -11.61 0.82 13.13
C VAL A 293 -10.64 0.68 14.30
N ALA A 294 -9.87 -0.40 14.32
CA ALA A 294 -8.89 -0.64 15.37
C ALA A 294 -7.88 0.51 15.48
N PRO A 295 -7.43 0.85 16.72
CA PRO A 295 -7.77 0.27 18.02
C PRO A 295 -9.00 0.88 18.67
N ALA A 296 -9.81 1.59 17.90
CA ALA A 296 -11.02 2.17 18.47
C ALA A 296 -12.11 1.10 18.50
N GLY A 297 -12.22 0.39 17.38
CA GLY A 297 -13.20 -0.67 17.25
C GLY A 297 -12.59 -2.01 16.96
N PRO A 298 -13.43 -3.03 16.69
CA PRO A 298 -13.02 -4.41 16.41
C PRO A 298 -12.47 -4.72 15.01
N MET A 299 -12.81 -3.93 13.99
CA MET A 299 -12.29 -4.25 12.66
C MET A 299 -10.80 -4.00 12.58
N TYR A 300 -10.04 -4.98 12.11
CA TYR A 300 -8.59 -4.85 12.02
C TYR A 300 -8.04 -4.36 10.68
N GLN A 301 -7.12 -3.41 10.76
CA GLN A 301 -6.47 -2.82 9.60
C GLN A 301 -5.26 -2.09 10.13
N ALA A 302 -4.10 -2.28 9.49
CA ALA A 302 -2.86 -1.63 9.93
C ALA A 302 -1.82 -1.61 8.82
N GLY A 303 -0.95 -0.61 8.83
CA GLY A 303 0.07 -0.53 7.81
C GLY A 303 1.35 0.01 8.43
N THR A 304 2.49 -0.57 8.09
CA THR A 304 3.75 -0.12 8.67
C THR A 304 4.13 1.33 8.32
N LEU A 305 3.96 1.72 7.06
CA LEU A 305 4.31 3.07 6.65
C LEU A 305 3.19 4.09 6.83
N SER A 306 1.96 3.61 7.00
CA SER A 306 0.82 4.49 7.19
C SER A 306 1.13 5.64 8.13
N GLY A 307 0.96 6.86 7.63
CA GLY A 307 1.19 8.04 8.44
C GLY A 307 2.64 8.45 8.55
N ASN A 308 3.46 8.11 7.57
CA ASN A 308 4.86 8.49 7.63
C ASN A 308 5.01 10.00 7.34
N PRO A 309 5.94 10.67 8.06
CA PRO A 309 6.20 12.11 7.92
C PRO A 309 6.49 12.67 6.52
N LEU A 310 7.14 11.89 5.66
CA LEU A 310 7.42 12.35 4.29
C LEU A 310 6.12 12.50 3.54
N ALA A 311 5.34 11.43 3.52
CA ALA A 311 4.05 11.44 2.85
C ALA A 311 3.12 12.47 3.47
N MET A 312 3.08 12.55 4.81
CA MET A 312 2.22 13.52 5.50
C MET A 312 2.62 14.96 5.15
N THR A 313 3.90 15.17 4.87
CA THR A 313 4.45 16.47 4.52
C THR A 313 4.11 16.82 3.08
N ALA A 314 4.37 15.90 2.17
CA ALA A 314 4.05 16.13 0.77
C ALA A 314 2.56 16.49 0.66
N GLY A 315 1.72 15.74 1.37
CA GLY A 315 0.29 15.96 1.36
C GLY A 315 -0.11 17.29 1.97
N ILE A 316 0.46 17.63 3.11
CA ILE A 316 0.16 18.90 3.76
C ILE A 316 0.45 20.05 2.78
N LYS A 317 1.68 20.09 2.29
CA LYS A 317 2.12 21.11 1.36
C LYS A 317 1.27 21.13 0.08
N THR A 318 0.88 19.94 -0.40
CA THR A 318 0.09 19.89 -1.62
C THR A 318 -1.28 20.53 -1.43
N LEU A 319 -1.98 20.18 -0.35
CA LEU A 319 -3.29 20.79 -0.08
C LEU A 319 -3.17 22.30 0.14
N GLU A 320 -2.08 22.72 0.78
CA GLU A 320 -1.86 24.14 1.02
C GLU A 320 -1.80 24.91 -0.30
N LEU A 321 -1.05 24.40 -1.27
CA LEU A 321 -0.95 25.06 -2.57
C LEU A 321 -2.33 25.12 -3.22
N LEU A 322 -3.13 24.09 -3.01
CA LEU A 322 -4.46 23.99 -3.58
C LEU A 322 -5.48 24.92 -2.94
N ARG A 323 -5.16 25.47 -1.76
CA ARG A 323 -6.09 26.36 -1.08
C ARG A 323 -5.94 27.78 -1.57
N GLN A 324 -4.96 28.00 -2.44
CA GLN A 324 -4.73 29.32 -3.00
C GLN A 324 -5.91 29.72 -3.90
N PRO A 325 -6.17 31.03 -4.03
CA PRO A 325 -7.28 31.48 -4.87
C PRO A 325 -7.00 31.28 -6.36
N GLY A 326 -8.02 30.86 -7.09
CA GLY A 326 -7.87 30.67 -8.53
C GLY A 326 -7.47 29.27 -8.94
N THR A 327 -7.08 28.47 -7.96
CA THR A 327 -6.64 27.09 -8.18
C THR A 327 -7.53 26.32 -9.15
N TYR A 328 -8.70 25.94 -8.66
CA TYR A 328 -9.63 25.17 -9.46
C TYR A 328 -10.17 25.95 -10.64
N GLU A 329 -10.40 27.24 -10.45
CA GLU A 329 -10.91 28.07 -11.52
C GLU A 329 -9.94 27.98 -12.71
N TYR A 330 -8.64 28.08 -12.43
CA TYR A 330 -7.65 28.00 -13.50
C TYR A 330 -7.69 26.62 -14.15
N LEU A 331 -7.71 25.59 -13.31
CA LEU A 331 -7.73 24.23 -13.82
C LEU A 331 -8.90 24.01 -14.78
N ASP A 332 -10.09 24.41 -14.37
CA ASP A 332 -11.26 24.22 -15.23
C ASP A 332 -11.13 25.09 -16.46
N GLN A 333 -10.51 26.25 -16.30
CA GLN A 333 -10.34 27.16 -17.42
C GLN A 333 -9.58 26.52 -18.58
N ILE A 334 -8.36 26.06 -18.31
CA ILE A 334 -7.52 25.44 -19.34
C ILE A 334 -8.00 24.06 -19.75
N THR A 335 -8.57 23.31 -18.81
CA THR A 335 -9.04 21.98 -19.14
C THR A 335 -10.23 22.09 -20.08
N LYS A 336 -10.97 23.19 -19.99
CA LYS A 336 -12.12 23.37 -20.86
C LYS A 336 -11.58 23.68 -22.26
N ARG A 337 -10.49 24.43 -22.32
CA ARG A 337 -9.87 24.82 -23.58
C ARG A 337 -9.40 23.62 -24.37
N LEU A 338 -8.79 22.66 -23.68
CA LEU A 338 -8.27 21.47 -24.32
C LEU A 338 -9.37 20.52 -24.79
N SER A 339 -10.35 20.29 -23.93
CA SER A 339 -11.46 19.41 -24.26
C SER A 339 -12.23 19.95 -25.45
N ASP A 340 -12.77 21.15 -25.31
CA ASP A 340 -13.52 21.76 -26.41
C ASP A 340 -12.66 21.74 -27.68
N GLY A 341 -11.42 22.21 -27.55
CA GLY A 341 -10.53 22.26 -28.69
C GLY A 341 -10.19 20.91 -29.28
N LEU A 342 -10.20 19.87 -28.46
CA LEU A 342 -9.88 18.52 -28.90
C LEU A 342 -11.05 17.93 -29.67
N LEU A 343 -12.26 18.23 -29.21
CA LEU A 343 -13.47 17.75 -29.87
C LEU A 343 -13.75 18.60 -31.10
N ALA A 344 -13.23 19.82 -31.08
CA ALA A 344 -13.40 20.74 -32.21
C ALA A 344 -12.52 20.23 -33.34
N ILE A 345 -11.32 19.78 -33.01
CA ILE A 345 -10.38 19.26 -34.00
C ILE A 345 -10.86 17.96 -34.65
N ALA A 346 -11.37 17.04 -33.83
CA ALA A 346 -11.83 15.76 -34.35
C ALA A 346 -13.01 15.96 -35.29
N GLN A 347 -13.83 16.97 -34.97
CA GLN A 347 -15.00 17.27 -35.78
C GLN A 347 -14.53 17.70 -37.17
N GLU A 348 -13.47 18.53 -37.19
CA GLU A 348 -12.90 19.00 -38.44
C GLU A 348 -12.21 17.90 -39.24
N THR A 349 -11.29 17.17 -38.62
CA THR A 349 -10.60 16.09 -39.32
C THR A 349 -11.62 15.04 -39.70
N GLY A 350 -12.84 15.22 -39.21
CA GLY A 350 -13.90 14.28 -39.52
C GLY A 350 -13.81 12.97 -38.76
N HIS A 351 -13.61 13.06 -37.44
CA HIS A 351 -13.52 11.86 -36.62
C HIS A 351 -14.65 11.68 -35.62
N ALA A 352 -15.15 10.45 -35.56
CA ALA A 352 -16.21 10.10 -34.62
C ALA A 352 -15.54 10.26 -33.27
N ALA A 353 -16.06 11.16 -32.46
CA ALA A 353 -15.48 11.42 -31.14
C ALA A 353 -16.44 12.14 -30.20
N CYS A 354 -16.16 12.04 -28.89
CA CYS A 354 -16.96 12.65 -27.85
C CYS A 354 -16.18 12.69 -26.55
N GLY A 355 -16.73 13.35 -25.53
CA GLY A 355 -16.07 13.46 -24.25
C GLY A 355 -16.23 14.86 -23.69
N GLY A 356 -15.65 15.12 -22.52
CA GLY A 356 -15.78 16.44 -21.91
C GLY A 356 -14.86 16.62 -20.72
N GLN A 357 -15.17 17.60 -19.87
CA GLN A 357 -14.33 17.85 -18.71
C GLN A 357 -15.01 18.52 -17.54
N VAL A 358 -14.44 18.26 -16.36
CA VAL A 358 -14.87 18.84 -15.10
C VAL A 358 -13.55 19.22 -14.44
N SER A 359 -13.44 20.46 -13.96
CA SER A 359 -12.21 20.90 -13.32
C SER A 359 -11.02 20.36 -14.14
N GLY A 360 -9.94 19.99 -13.46
CA GLY A 360 -8.78 19.49 -14.17
C GLY A 360 -8.79 18.02 -14.56
N MET A 361 -9.96 17.52 -14.96
CA MET A 361 -10.11 16.12 -15.36
C MET A 361 -10.96 16.11 -16.64
N PHE A 362 -10.54 15.33 -17.63
CA PHE A 362 -11.27 15.30 -18.88
C PHE A 362 -11.16 13.91 -19.51
N GLY A 363 -11.86 13.73 -20.62
CA GLY A 363 -11.84 12.46 -21.32
C GLY A 363 -12.01 12.73 -22.79
N PHE A 364 -11.73 11.73 -23.62
CA PHE A 364 -11.83 11.89 -25.06
C PHE A 364 -12.01 10.50 -25.70
N PHE A 365 -13.22 10.19 -26.15
CA PHE A 365 -13.44 8.89 -26.79
C PHE A 365 -13.60 9.00 -28.30
N PHE A 366 -13.04 8.03 -29.01
CA PHE A 366 -13.14 7.96 -30.47
C PHE A 366 -14.43 7.22 -30.80
N THR A 367 -15.54 7.89 -30.54
CA THR A 367 -16.86 7.35 -30.81
C THR A 367 -17.84 8.52 -30.68
N GLU A 368 -18.99 8.41 -31.35
CA GLU A 368 -20.00 9.47 -31.31
C GLU A 368 -20.73 9.55 -29.98
N GLY A 369 -20.84 8.43 -29.29
CA GLY A 369 -21.53 8.41 -28.01
C GLY A 369 -22.90 9.06 -28.13
N PRO A 370 -23.33 9.86 -27.13
CA PRO A 370 -22.58 10.19 -25.91
C PRO A 370 -22.36 8.96 -25.02
N VAL A 371 -21.44 9.10 -24.07
CA VAL A 371 -21.08 8.01 -23.17
C VAL A 371 -21.68 8.19 -21.76
N HIS A 372 -22.32 7.14 -21.26
CA HIS A 372 -22.93 7.18 -19.93
C HIS A 372 -22.46 6.05 -19.03
N ASN A 373 -21.80 5.06 -19.62
CA ASN A 373 -21.34 3.91 -18.85
C ASN A 373 -20.17 3.25 -19.57
N TYR A 374 -19.83 2.04 -19.13
CA TYR A 374 -18.72 1.30 -19.73
C TYR A 374 -19.06 0.80 -21.14
N GLU A 375 -20.23 0.21 -21.28
CA GLU A 375 -20.66 -0.30 -22.58
C GLU A 375 -20.53 0.80 -23.63
N ASP A 376 -21.20 1.92 -23.40
CA ASP A 376 -21.13 3.05 -24.31
C ASP A 376 -19.69 3.35 -24.70
N ALA A 377 -18.83 3.42 -23.67
CA ALA A 377 -17.42 3.71 -23.84
C ALA A 377 -16.68 2.64 -24.61
N LYS A 378 -17.09 1.39 -24.46
CA LYS A 378 -16.42 0.30 -25.15
C LYS A 378 -16.57 0.34 -26.66
N LYS A 379 -17.43 1.22 -27.15
CA LYS A 379 -17.65 1.35 -28.59
C LYS A 379 -16.55 2.14 -29.28
N SER A 380 -15.63 2.68 -28.48
CA SER A 380 -14.54 3.48 -29.00
C SER A 380 -13.66 2.65 -29.95
N ASP A 381 -13.24 3.28 -31.04
CA ASP A 381 -12.38 2.63 -32.02
C ASP A 381 -10.99 2.56 -31.40
N LEU A 382 -10.66 1.42 -30.82
CA LEU A 382 -9.37 1.25 -30.18
C LEU A 382 -8.18 1.32 -31.12
N GLN A 383 -8.34 0.78 -32.33
CA GLN A 383 -7.27 0.81 -33.31
C GLN A 383 -6.92 2.25 -33.64
N LYS A 384 -7.93 3.10 -33.60
CA LYS A 384 -7.75 4.53 -33.88
C LYS A 384 -6.94 5.14 -32.74
N PHE A 385 -7.46 5.05 -31.53
CA PHE A 385 -6.78 5.60 -30.36
C PHE A 385 -5.31 5.18 -30.33
N SER A 386 -5.06 3.93 -30.75
CA SER A 386 -3.71 3.39 -30.77
C SER A 386 -2.80 4.25 -31.66
N ARG A 387 -3.25 4.50 -32.89
CA ARG A 387 -2.48 5.30 -33.84
C ARG A 387 -2.44 6.76 -33.37
N PHE A 388 -3.52 7.17 -32.71
CA PHE A 388 -3.59 8.53 -32.23
C PHE A 388 -2.65 8.73 -31.07
N HIS A 389 -2.58 7.73 -30.19
CA HIS A 389 -1.71 7.84 -29.04
C HIS A 389 -0.25 7.85 -29.45
N ARG A 390 0.13 6.96 -30.37
CA ARG A 390 1.50 6.91 -30.83
C ARG A 390 1.82 8.22 -31.56
N GLY A 391 0.81 8.75 -32.24
CA GLY A 391 1.00 9.99 -32.97
C GLY A 391 1.36 11.13 -32.05
N MET A 392 0.50 11.39 -31.06
CA MET A 392 0.71 12.46 -30.11
C MET A 392 2.12 12.35 -29.52
N LEU A 393 2.51 11.13 -29.18
CA LEU A 393 3.83 10.85 -28.62
C LEU A 393 4.97 11.45 -29.45
N GLU A 394 4.91 11.23 -30.76
CA GLU A 394 5.93 11.74 -31.68
C GLU A 394 5.87 13.25 -31.81
N GLN A 395 4.73 13.83 -31.53
CA GLN A 395 4.57 15.27 -31.62
C GLN A 395 4.91 15.92 -30.29
N GLY A 396 5.30 15.09 -29.32
CA GLY A 396 5.69 15.61 -28.02
C GLY A 396 4.58 15.77 -26.99
N ILE A 397 3.62 14.85 -27.03
CA ILE A 397 2.51 14.87 -26.10
C ILE A 397 2.44 13.50 -25.42
N TYR A 398 2.34 13.49 -24.10
CA TYR A 398 2.26 12.21 -23.38
C TYR A 398 0.85 12.00 -22.84
N LEU A 399 0.13 11.07 -23.45
CA LEU A 399 -1.23 10.78 -23.02
C LEU A 399 -1.33 9.37 -22.42
N ALA A 400 -2.31 9.17 -21.55
CA ALA A 400 -2.51 7.86 -20.93
C ALA A 400 -2.58 6.80 -22.02
N PRO A 401 -1.67 5.81 -21.98
CA PRO A 401 -1.63 4.72 -22.97
C PRO A 401 -2.87 3.82 -22.94
N SER A 402 -4.04 4.44 -22.88
CA SER A 402 -5.30 3.73 -22.87
C SER A 402 -6.49 4.65 -23.14
N GLN A 403 -7.50 4.12 -23.82
CA GLN A 403 -8.71 4.88 -24.16
C GLN A 403 -9.59 5.00 -22.92
N PHE A 404 -9.48 4.02 -22.01
CA PHE A 404 -10.28 3.99 -20.79
C PHE A 404 -9.58 4.58 -19.55
N GLU A 405 -8.87 5.69 -19.74
CA GLU A 405 -8.19 6.36 -18.63
C GLU A 405 -8.47 7.85 -18.77
N ALA A 406 -8.95 8.48 -17.70
CA ALA A 406 -9.25 9.91 -17.73
C ALA A 406 -7.96 10.71 -17.93
N GLY A 407 -8.09 11.91 -18.47
CA GLY A 407 -6.93 12.74 -18.67
C GLY A 407 -6.80 13.70 -17.50
N PHE A 408 -5.58 14.19 -17.28
CA PHE A 408 -5.34 15.12 -16.17
C PHE A 408 -4.50 16.32 -16.56
N THR A 409 -4.74 17.44 -15.89
CA THR A 409 -3.97 18.66 -16.11
C THR A 409 -3.51 19.10 -14.74
N SER A 410 -2.53 20.01 -14.71
CA SER A 410 -2.00 20.50 -13.45
C SER A 410 -1.92 22.01 -13.48
N LEU A 411 -1.69 22.60 -12.32
CA LEU A 411 -1.57 24.06 -12.21
C LEU A 411 -0.32 24.51 -12.96
N ALA A 412 0.55 23.57 -13.30
CA ALA A 412 1.79 23.87 -14.01
C ALA A 412 1.62 23.97 -15.53
N HIS A 413 0.47 23.54 -16.04
CA HIS A 413 0.18 23.61 -17.47
C HIS A 413 -0.19 25.05 -17.86
N THR A 414 0.55 25.62 -18.80
CA THR A 414 0.30 27.00 -19.26
C THR A 414 -0.61 27.06 -20.49
N GLU A 415 -1.12 28.25 -20.77
CA GLU A 415 -2.00 28.47 -21.91
C GLU A 415 -1.32 27.97 -23.17
N GLU A 416 -0.01 28.13 -23.21
CA GLU A 416 0.81 27.73 -24.34
C GLU A 416 0.78 26.23 -24.51
N ASP A 417 0.93 25.51 -23.41
CA ASP A 417 0.94 24.06 -23.45
C ASP A 417 -0.36 23.56 -24.04
N ILE A 418 -1.46 24.16 -23.59
CA ILE A 418 -2.77 23.76 -24.10
C ILE A 418 -2.79 24.00 -25.61
N ASP A 419 -2.31 25.16 -26.04
CA ASP A 419 -2.30 25.50 -27.46
C ASP A 419 -1.40 24.60 -28.28
N ALA A 420 -0.27 24.22 -27.68
CA ALA A 420 0.67 23.35 -28.37
C ALA A 420 0.12 21.91 -28.45
N THR A 421 -0.63 21.50 -27.44
CA THR A 421 -1.24 20.17 -27.45
C THR A 421 -2.29 20.18 -28.54
N LEU A 422 -3.09 21.23 -28.54
CA LEU A 422 -4.13 21.36 -29.55
C LEU A 422 -3.50 21.29 -30.93
N ALA A 423 -2.35 21.94 -31.09
CA ALA A 423 -1.67 21.93 -32.38
C ALA A 423 -1.33 20.52 -32.84
N ALA A 424 -0.55 19.82 -32.03
CA ALA A 424 -0.14 18.45 -32.33
C ALA A 424 -1.35 17.54 -32.57
N ALA A 425 -2.43 17.79 -31.85
CA ALA A 425 -3.62 16.96 -32.01
C ALA A 425 -4.16 17.13 -33.42
N ARG A 426 -4.24 18.38 -33.86
CA ARG A 426 -4.72 18.69 -35.20
C ARG A 426 -3.83 17.95 -36.19
N THR A 427 -2.52 18.00 -35.96
CA THR A 427 -1.57 17.34 -36.84
C THR A 427 -1.81 15.84 -36.90
N VAL A 428 -1.87 15.21 -35.74
CA VAL A 428 -2.08 13.77 -35.66
C VAL A 428 -3.39 13.30 -36.28
N MET A 429 -4.51 13.80 -35.77
CA MET A 429 -5.80 13.40 -36.29
C MET A 429 -5.86 13.58 -37.81
N SER A 430 -5.31 14.69 -38.31
CA SER A 430 -5.30 14.97 -39.75
C SER A 430 -4.75 13.83 -40.60
N ALA A 431 -3.80 13.08 -40.04
CA ALA A 431 -3.21 11.98 -40.77
C ALA A 431 -3.67 10.63 -40.24
N LEU A 432 -4.62 10.65 -39.31
CA LEU A 432 -5.14 9.42 -38.73
C LEU A 432 -5.69 8.49 -39.79
N PHE B 6 10.71 12.69 34.34
CA PHE B 6 10.18 12.20 33.03
C PHE B 6 8.74 12.65 32.82
N LYS B 7 8.52 13.47 31.80
CA LYS B 7 7.16 13.94 31.48
C LYS B 7 6.84 13.78 29.99
N THR B 8 5.56 13.66 29.68
CA THR B 8 5.13 13.51 28.29
C THR B 8 3.87 14.32 28.01
N ILE B 9 3.76 15.45 28.70
CA ILE B 9 2.63 16.35 28.57
C ILE B 9 2.31 16.68 27.12
N LYS B 10 3.33 17.09 26.37
CA LYS B 10 3.15 17.44 24.97
C LYS B 10 2.68 16.31 24.09
N SER B 11 3.09 15.08 24.42
CA SER B 11 2.66 13.92 23.65
C SER B 11 1.20 13.64 24.01
N ASP B 12 0.88 13.83 25.28
CA ASP B 12 -0.47 13.59 25.76
C ASP B 12 -1.44 14.52 25.06
N GLU B 13 -1.07 15.80 24.99
CA GLU B 13 -1.90 16.79 24.33
C GLU B 13 -2.15 16.38 22.88
N ILE B 14 -1.08 16.17 22.13
CA ILE B 14 -1.21 15.78 20.74
C ILE B 14 -2.03 14.51 20.51
N PHE B 15 -1.76 13.47 21.29
CA PHE B 15 -2.50 12.22 21.14
C PHE B 15 -3.99 12.38 21.47
N ALA B 16 -4.28 13.19 22.48
CA ALA B 16 -5.66 13.44 22.86
C ALA B 16 -6.39 14.04 21.66
N ALA B 17 -5.70 14.89 20.92
CA ALA B 17 -6.31 15.54 19.76
C ALA B 17 -6.48 14.57 18.59
N ALA B 18 -5.56 13.64 18.45
CA ALA B 18 -5.60 12.66 17.36
C ALA B 18 -6.77 11.70 17.48
N GLN B 19 -7.19 11.42 18.71
CA GLN B 19 -8.30 10.52 18.97
C GLN B 19 -9.62 11.07 18.45
N LYS B 20 -9.64 12.37 18.16
CA LYS B 20 -10.83 13.01 17.65
C LYS B 20 -10.75 13.11 16.13
N LEU B 21 -9.53 12.92 15.61
CA LEU B 21 -9.25 13.01 14.16
C LEU B 21 -9.13 11.69 13.42
N MET B 22 -8.53 10.70 14.05
CA MET B 22 -8.37 9.39 13.43
C MET B 22 -8.85 8.30 14.39
N PRO B 23 -9.09 7.09 13.88
CA PRO B 23 -9.56 5.99 14.75
C PRO B 23 -8.49 5.61 15.76
N GLY B 24 -8.80 5.81 17.03
CA GLY B 24 -7.84 5.48 18.07
C GLY B 24 -6.72 6.50 18.05
N GLY B 25 -6.87 7.55 17.25
CA GLY B 25 -5.87 8.59 17.16
C GLY B 25 -4.51 8.11 16.67
N VAL B 26 -4.52 7.11 15.80
CA VAL B 26 -3.27 6.58 15.25
C VAL B 26 -3.52 6.03 13.85
N SER B 27 -2.46 5.88 13.08
CA SER B 27 -2.60 5.36 11.73
C SER B 27 -2.47 3.84 11.69
N SER B 28 -2.05 3.27 12.81
CA SER B 28 -1.94 1.82 12.92
C SER B 28 -2.17 1.43 14.37
N PRO B 29 -3.03 0.42 14.61
CA PRO B 29 -3.38 -0.08 15.94
C PRO B 29 -2.31 -0.12 17.04
N VAL B 30 -1.21 -0.81 16.79
CA VAL B 30 -0.16 -0.93 17.79
C VAL B 30 0.30 0.40 18.41
N ARG B 31 0.52 1.41 17.57
CA ARG B 31 0.99 2.72 18.03
C ARG B 31 0.16 3.30 19.17
N ALA B 32 -1.02 2.73 19.42
CA ALA B 32 -1.91 3.22 20.49
C ALA B 32 -1.41 2.96 21.91
N PHE B 33 -0.53 1.98 22.08
CA PHE B 33 0.04 1.65 23.40
C PHE B 33 -0.94 0.96 24.35
N LYS B 34 -2.19 0.75 23.93
CA LYS B 34 -3.20 0.13 24.77
C LYS B 34 -2.67 -1.03 25.60
N SER B 35 -2.02 -1.98 24.93
CA SER B 35 -1.49 -3.16 25.58
C SER B 35 -0.26 -2.88 26.46
N VAL B 36 0.04 -1.62 26.72
CA VAL B 36 1.22 -1.32 27.50
C VAL B 36 1.08 -0.06 28.39
N GLY B 37 -0.11 0.53 28.34
CA GLY B 37 -0.37 1.73 29.13
C GLY B 37 -1.53 2.51 28.55
N GLY B 38 -1.40 2.88 27.28
CA GLY B 38 -2.44 3.65 26.62
C GLY B 38 -1.98 5.07 26.39
N GLN B 39 -0.74 5.35 26.79
CA GLN B 39 -0.17 6.68 26.62
C GLN B 39 1.03 6.64 25.68
N PRO B 40 0.79 6.57 24.37
CA PRO B 40 1.89 6.52 23.41
C PRO B 40 2.66 7.82 23.34
N ILE B 41 3.91 7.75 22.89
CA ILE B 41 4.70 8.95 22.79
C ILE B 41 4.78 9.41 21.33
N VAL B 42 4.57 10.72 21.13
CA VAL B 42 4.61 11.36 19.82
C VAL B 42 6.06 11.68 19.46
N PHE B 43 6.50 11.26 18.28
CA PHE B 43 7.87 11.52 17.83
C PHE B 43 7.98 12.82 17.05
N ASP B 44 9.19 13.37 17.03
CA ASP B 44 9.44 14.60 16.29
C ASP B 44 10.55 14.38 15.26
N ARG B 45 11.51 13.52 15.60
CA ARG B 45 12.64 13.22 14.73
C ARG B 45 13.37 11.95 15.19
N VAL B 46 14.13 11.36 14.28
CA VAL B 46 14.90 10.17 14.61
C VAL B 46 16.23 10.26 13.90
N LYS B 47 17.30 9.86 14.58
CA LYS B 47 18.63 9.92 14.00
C LYS B 47 19.43 8.70 14.48
N ASP B 48 20.06 8.01 13.53
CA ASP B 48 20.87 6.85 13.83
C ASP B 48 20.08 5.86 14.67
N ALA B 49 20.53 5.58 15.90
CA ALA B 49 19.81 4.63 16.74
C ALA B 49 18.91 5.30 17.77
N TYR B 50 18.72 6.60 17.65
CA TYR B 50 17.90 7.35 18.62
C TYR B 50 16.58 7.93 18.08
N ALA B 51 15.72 8.30 19.02
CA ALA B 51 14.42 8.88 18.74
C ALA B 51 14.19 10.05 19.70
N TRP B 52 13.50 11.10 19.25
CA TRP B 52 13.26 12.27 20.09
C TRP B 52 11.80 12.69 20.22
N ASP B 53 11.39 12.88 21.47
CA ASP B 53 10.04 13.29 21.84
C ASP B 53 9.66 14.65 21.31
N VAL B 54 8.41 15.01 21.59
CA VAL B 54 7.87 16.31 21.25
C VAL B 54 8.02 17.08 22.58
N ASP B 55 8.52 16.35 23.58
CA ASP B 55 8.75 16.86 24.92
C ASP B 55 10.24 16.96 25.07
N GLY B 56 10.93 16.50 24.02
CA GLY B 56 12.38 16.55 23.99
C GLY B 56 13.10 15.35 24.53
N ASN B 57 12.38 14.31 24.93
CA ASN B 57 13.01 13.10 25.47
C ASN B 57 13.77 12.36 24.38
N ARG B 58 14.91 11.80 24.77
CA ARG B 58 15.78 11.04 23.87
C ARG B 58 15.66 9.54 24.18
N TYR B 59 15.64 8.71 23.16
CA TYR B 59 15.52 7.26 23.41
C TYR B 59 16.50 6.43 22.56
N ILE B 60 16.88 5.26 23.07
CA ILE B 60 17.70 4.36 22.27
C ILE B 60 16.59 3.47 21.73
N ASP B 61 16.27 3.68 20.46
CA ASP B 61 15.19 2.99 19.77
C ASP B 61 15.50 1.53 19.40
N TYR B 62 14.55 0.64 19.67
CA TYR B 62 14.73 -0.77 19.32
C TYR B 62 13.59 -1.26 18.45
N VAL B 63 12.81 -0.31 17.97
CA VAL B 63 11.67 -0.58 17.10
C VAL B 63 12.10 -0.31 15.67
N GLY B 64 13.01 0.64 15.50
CA GLY B 64 13.50 0.97 14.16
C GLY B 64 12.38 1.04 13.16
N THR B 65 11.43 1.94 13.44
CA THR B 65 10.26 2.15 12.58
C THR B 65 9.68 0.81 12.11
N TRP B 66 9.89 -0.22 12.92
CA TRP B 66 9.42 -1.59 12.70
C TRP B 66 10.15 -2.42 11.63
N GLY B 67 11.45 -2.18 11.45
CA GLY B 67 12.19 -2.97 10.47
C GLY B 67 12.97 -2.24 9.39
N PRO B 68 12.44 -1.16 8.83
CA PRO B 68 13.13 -0.41 7.78
C PRO B 68 14.51 0.18 8.09
N ALA B 69 14.72 0.64 9.31
CA ALA B 69 15.98 1.29 9.68
C ALA B 69 17.17 0.42 10.07
N ILE B 70 17.44 -0.64 9.31
CA ILE B 70 18.56 -1.53 9.63
C ILE B 70 19.90 -0.84 9.49
N CYS B 71 19.94 0.24 8.73
CA CYS B 71 21.19 0.99 8.55
C CYS B 71 21.16 2.24 9.44
N GLY B 72 20.15 2.30 10.30
CA GLY B 72 20.02 3.43 11.19
C GLY B 72 19.07 4.48 10.65
N HIS B 73 18.47 5.25 11.54
CA HIS B 73 17.52 6.30 11.16
C HIS B 73 18.18 7.45 10.40
N ALA B 74 17.49 7.95 9.40
CA ALA B 74 17.97 9.06 8.59
C ALA B 74 19.45 8.92 8.24
N HIS B 75 19.80 7.79 7.63
CA HIS B 75 21.19 7.52 7.23
C HIS B 75 21.61 8.57 6.22
N PRO B 76 22.75 9.24 6.47
CA PRO B 76 23.31 10.29 5.62
C PRO B 76 23.28 10.02 4.11
N GLU B 77 23.82 8.88 3.69
CA GLU B 77 23.88 8.55 2.28
C GLU B 77 22.48 8.23 1.69
N VAL B 78 21.56 7.76 2.52
CA VAL B 78 20.21 7.47 2.03
C VAL B 78 19.44 8.76 1.79
N ILE B 79 19.57 9.70 2.72
CA ILE B 79 18.89 10.96 2.60
C ILE B 79 19.43 11.72 1.40
N GLU B 80 20.75 11.74 1.28
CA GLU B 80 21.38 12.45 0.17
C GLU B 80 20.89 11.88 -1.15
N ALA B 81 20.86 10.56 -1.26
CA ALA B 81 20.43 9.91 -2.48
C ALA B 81 18.97 10.24 -2.77
N LEU B 82 18.21 10.56 -1.73
CA LEU B 82 16.81 10.90 -1.87
C LEU B 82 16.61 12.33 -2.35
N LYS B 83 17.33 13.26 -1.74
CA LYS B 83 17.21 14.66 -2.13
C LYS B 83 17.51 14.78 -3.63
N VAL B 84 18.71 14.34 -4.01
CA VAL B 84 19.13 14.35 -5.40
C VAL B 84 18.07 13.74 -6.32
N ALA B 85 17.48 12.64 -5.86
CA ALA B 85 16.46 11.96 -6.64
C ALA B 85 15.14 12.71 -6.77
N MET B 86 14.68 13.34 -5.71
CA MET B 86 13.41 14.06 -5.80
C MET B 86 13.48 15.29 -6.68
N GLU B 87 14.68 15.61 -7.13
CA GLU B 87 14.85 16.75 -8.01
C GLU B 87 14.33 16.38 -9.39
N LYS B 88 14.40 15.09 -9.71
CA LYS B 88 13.96 14.59 -11.00
C LYS B 88 12.52 14.09 -10.97
N GLY B 89 11.81 14.40 -9.88
CA GLY B 89 10.42 13.99 -9.73
C GLY B 89 10.26 12.91 -8.67
N THR B 90 9.15 12.94 -7.96
CA THR B 90 8.91 11.93 -6.91
C THR B 90 8.08 10.75 -7.39
N SER B 91 7.64 10.80 -8.65
CA SER B 91 6.84 9.72 -9.20
C SER B 91 6.53 9.99 -10.66
N PHE B 92 6.78 9.01 -11.53
CA PHE B 92 6.53 9.17 -12.96
C PHE B 92 5.24 8.49 -13.42
N GLY B 93 4.92 7.34 -12.84
CA GLY B 93 3.73 6.62 -13.25
C GLY B 93 4.04 5.94 -14.57
N ALA B 94 5.32 5.66 -14.77
CA ALA B 94 5.81 5.01 -15.97
C ALA B 94 7.12 4.33 -15.61
N PRO B 95 7.67 3.53 -16.52
CA PRO B 95 8.94 2.83 -16.30
C PRO B 95 10.14 3.75 -16.12
N CYS B 96 11.10 3.32 -15.29
CA CYS B 96 12.32 4.08 -15.04
C CYS B 96 13.47 3.10 -14.78
N ALA B 97 14.69 3.52 -15.13
CA ALA B 97 15.88 2.71 -14.97
C ALA B 97 16.05 2.13 -13.56
N LEU B 98 15.70 2.94 -12.56
CA LEU B 98 15.82 2.52 -11.16
C LEU B 98 15.10 1.23 -10.81
N GLU B 99 13.95 1.00 -11.43
CA GLU B 99 13.18 -0.22 -11.17
C GLU B 99 14.01 -1.44 -11.56
N ASN B 100 14.67 -1.33 -12.72
CA ASN B 100 15.53 -2.40 -13.23
C ASN B 100 16.67 -2.67 -12.23
N VAL B 101 17.39 -1.63 -11.86
CA VAL B 101 18.49 -1.79 -10.90
C VAL B 101 18.08 -2.61 -9.67
N LEU B 102 17.06 -2.12 -8.98
CA LEU B 102 16.54 -2.74 -7.75
C LEU B 102 16.03 -4.15 -8.00
N ALA B 103 15.30 -4.33 -9.08
CA ALA B 103 14.77 -5.63 -9.43
C ALA B 103 15.97 -6.58 -9.51
N GLU B 104 17.01 -6.12 -10.18
CA GLU B 104 18.23 -6.89 -10.32
C GLU B 104 18.86 -7.23 -8.97
N MET B 105 19.03 -6.22 -8.13
CA MET B 105 19.63 -6.42 -6.82
C MET B 105 18.84 -7.41 -5.99
N VAL B 106 17.52 -7.27 -6.04
CA VAL B 106 16.65 -8.17 -5.32
C VAL B 106 16.82 -9.60 -5.88
N ASN B 107 16.86 -9.73 -7.20
CA ASN B 107 17.03 -11.06 -7.80
C ASN B 107 18.35 -11.68 -7.33
N ASP B 108 19.44 -10.91 -7.40
CA ASP B 108 20.75 -11.42 -6.97
C ASP B 108 20.74 -11.82 -5.49
N ALA B 109 20.05 -11.02 -4.67
CA ALA B 109 19.96 -11.23 -3.22
C ALA B 109 19.17 -12.46 -2.75
N VAL B 110 17.92 -12.55 -3.15
CA VAL B 110 17.08 -13.65 -2.74
C VAL B 110 17.08 -14.81 -3.72
N PRO B 111 17.55 -15.99 -3.26
CA PRO B 111 17.62 -17.19 -4.08
C PRO B 111 16.37 -17.51 -4.89
N SER B 112 15.31 -17.92 -4.20
CA SER B 112 14.06 -18.29 -4.87
C SER B 112 13.58 -17.24 -5.88
N ILE B 113 13.98 -15.99 -5.68
CA ILE B 113 13.55 -14.91 -6.56
C ILE B 113 14.38 -14.74 -7.84
N GLU B 114 13.76 -15.03 -8.97
CA GLU B 114 14.42 -14.88 -10.26
C GLU B 114 13.64 -13.88 -11.11
N MET B 115 12.51 -13.42 -10.55
CA MET B 115 11.63 -12.44 -11.14
C MET B 115 10.77 -11.84 -10.01
N VAL B 116 10.82 -10.51 -9.90
CA VAL B 116 10.09 -9.82 -8.85
C VAL B 116 9.13 -8.72 -9.35
N ARG B 117 8.18 -8.36 -8.50
CA ARG B 117 7.21 -7.33 -8.79
C ARG B 117 7.11 -6.44 -7.55
N PHE B 118 7.29 -5.14 -7.74
CA PHE B 118 7.22 -4.22 -6.60
C PHE B 118 5.81 -3.79 -6.34
N VAL B 119 5.53 -3.46 -5.08
CA VAL B 119 4.22 -2.99 -4.64
C VAL B 119 4.50 -1.89 -3.63
N ASN B 120 3.51 -1.52 -2.82
CA ASN B 120 3.73 -0.44 -1.86
C ASN B 120 3.76 -0.74 -0.37
N SER B 121 3.40 -1.97 0.00
CA SER B 121 3.40 -2.37 1.40
C SER B 121 3.48 -3.88 1.50
N GLY B 122 3.61 -4.37 2.72
CA GLY B 122 3.66 -5.80 2.90
C GLY B 122 2.29 -6.36 2.56
N THR B 123 1.24 -5.70 2.99
CA THR B 123 -0.11 -6.18 2.74
C THR B 123 -0.36 -6.42 1.25
N GLU B 124 0.11 -5.51 0.40
CA GLU B 124 -0.08 -5.68 -1.04
C GLU B 124 0.65 -6.91 -1.55
N ALA B 125 1.89 -7.07 -1.11
CA ALA B 125 2.70 -8.19 -1.52
C ALA B 125 2.03 -9.49 -1.09
N CYS B 126 1.68 -9.57 0.18
CA CYS B 126 1.06 -10.77 0.69
C CYS B 126 -0.28 -11.11 0.06
N MET B 127 -1.12 -10.11 -0.22
CA MET B 127 -2.41 -10.44 -0.82
C MET B 127 -2.23 -10.86 -2.28
N ALA B 128 -1.19 -10.36 -2.91
CA ALA B 128 -0.89 -10.68 -4.31
C ALA B 128 -0.20 -12.03 -4.45
N VAL B 129 0.63 -12.37 -3.45
CA VAL B 129 1.35 -13.64 -3.46
C VAL B 129 0.37 -14.76 -3.17
N LEU B 130 -0.65 -14.42 -2.39
CA LEU B 130 -1.67 -15.38 -2.02
C LEU B 130 -2.49 -15.70 -3.27
N ARG B 131 -2.69 -14.68 -4.11
CA ARG B 131 -3.47 -14.83 -5.33
C ARG B 131 -2.70 -15.63 -6.37
N ILE B 132 -1.43 -15.31 -6.53
CA ILE B 132 -0.59 -16.01 -7.49
C ILE B 132 -0.47 -17.45 -7.02
N MET B 133 -0.46 -17.61 -5.71
CA MET B 133 -0.36 -18.92 -5.10
C MET B 133 -1.52 -19.78 -5.61
N ARG B 134 -2.71 -19.20 -5.57
CA ARG B 134 -3.92 -19.89 -6.01
C ARG B 134 -4.05 -19.98 -7.53
N ALA B 135 -3.66 -18.92 -8.25
CA ALA B 135 -3.75 -18.89 -9.71
C ALA B 135 -2.86 -19.94 -10.38
N TYR B 136 -1.65 -20.11 -9.86
CA TYR B 136 -0.73 -21.07 -10.42
C TYR B 136 -1.19 -22.51 -10.20
N THR B 137 -1.57 -22.85 -8.97
CA THR B 137 -2.00 -24.21 -8.64
C THR B 137 -3.44 -24.56 -8.98
N GLY B 138 -4.32 -23.58 -8.97
CA GLY B 138 -5.72 -23.85 -9.26
C GLY B 138 -6.51 -24.24 -8.03
N ARG B 139 -5.82 -24.39 -6.90
CA ARG B 139 -6.47 -24.77 -5.64
C ARG B 139 -6.78 -23.53 -4.82
N ASP B 140 -7.88 -23.58 -4.09
CA ASP B 140 -8.30 -22.44 -3.29
C ASP B 140 -7.73 -22.35 -1.88
N LYS B 141 -7.70 -23.48 -1.16
CA LYS B 141 -7.22 -23.47 0.21
C LYS B 141 -5.74 -23.10 0.39
N ILE B 142 -5.48 -22.50 1.55
CA ILE B 142 -4.16 -22.00 1.93
C ILE B 142 -3.90 -22.36 3.39
N ILE B 143 -2.64 -22.55 3.76
CA ILE B 143 -2.28 -22.87 5.15
C ILE B 143 -1.33 -21.84 5.75
N LYS B 144 -1.73 -21.29 6.89
CA LYS B 144 -0.89 -20.33 7.60
C LYS B 144 -0.78 -20.75 9.06
N PHE B 145 0.15 -20.16 9.79
CA PHE B 145 0.36 -20.53 11.18
C PHE B 145 -0.16 -19.50 12.15
N GLU B 146 -0.68 -19.98 13.28
CA GLU B 146 -1.21 -19.11 14.32
C GLU B 146 -0.05 -18.27 14.86
N GLY B 147 -0.25 -16.96 14.92
CA GLY B 147 0.79 -16.08 15.43
C GLY B 147 1.45 -15.30 14.31
N CYS B 148 1.51 -15.90 13.12
CA CYS B 148 2.13 -15.25 11.97
C CYS B 148 1.27 -14.12 11.45
N TYR B 149 1.91 -13.18 10.75
CA TYR B 149 1.21 -12.03 10.20
C TYR B 149 1.64 -11.72 8.75
N HIS B 150 0.66 -11.53 7.87
CA HIS B 150 0.97 -11.23 6.46
C HIS B 150 0.12 -10.06 5.97
N GLY B 151 -0.16 -9.09 6.83
CA GLY B 151 -0.98 -7.95 6.41
C GLY B 151 -2.45 -8.12 6.72
N HIS B 152 -3.22 -7.04 6.59
CA HIS B 152 -4.66 -7.07 6.89
C HIS B 152 -5.54 -7.42 5.68
N ALA B 153 -5.16 -8.44 4.93
CA ALA B 153 -5.94 -8.87 3.79
C ALA B 153 -6.93 -9.93 4.29
N ASP B 154 -8.18 -9.80 3.90
CA ASP B 154 -9.24 -10.73 4.30
C ASP B 154 -8.83 -12.16 4.67
N MET B 155 -8.25 -12.90 3.71
CA MET B 155 -7.85 -14.28 3.92
C MET B 155 -6.92 -14.49 5.11
N PHE B 156 -6.01 -13.55 5.31
CA PHE B 156 -5.06 -13.65 6.41
C PHE B 156 -5.68 -13.27 7.76
N LEU B 157 -6.82 -12.59 7.74
CA LEU B 157 -7.47 -12.18 8.99
C LEU B 157 -8.23 -13.30 9.71
N VAL B 158 -7.44 -14.21 10.26
CA VAL B 158 -7.91 -15.37 11.03
C VAL B 158 -6.65 -15.95 11.67
N LYS B 159 -6.54 -15.76 12.98
CA LYS B 159 -5.37 -16.21 13.74
C LYS B 159 -4.16 -15.37 13.28
N ALA B 160 -4.41 -14.08 13.06
CA ALA B 160 -3.38 -13.14 12.61
C ALA B 160 -2.41 -12.80 13.73
N GLY B 161 -1.59 -11.77 13.51
CA GLY B 161 -0.62 -11.38 14.52
C GLY B 161 -0.54 -9.88 14.76
N SER B 162 0.63 -9.41 15.16
CA SER B 162 0.84 -7.98 15.41
C SER B 162 -0.10 -7.42 16.49
N GLY B 163 -1.02 -6.55 16.07
CA GLY B 163 -1.95 -5.94 17.01
C GLY B 163 -3.07 -6.89 17.42
N VAL B 164 -3.58 -7.66 16.48
CA VAL B 164 -4.65 -8.61 16.79
C VAL B 164 -4.08 -9.72 17.68
N ALA B 165 -2.76 -9.84 17.69
CA ALA B 165 -2.08 -10.85 18.51
C ALA B 165 -1.38 -10.18 19.68
N THR B 166 -1.81 -8.96 20.00
CA THR B 166 -1.26 -8.20 21.11
C THR B 166 -2.40 -7.86 22.07
N LEU B 167 -3.11 -6.78 21.79
CA LEU B 167 -4.22 -6.35 22.63
C LEU B 167 -5.50 -7.07 22.22
N GLY B 168 -5.68 -8.28 22.74
CA GLY B 168 -6.85 -9.08 22.41
C GLY B 168 -7.09 -9.10 20.91
N LEU B 169 -8.33 -8.87 20.51
CA LEU B 169 -8.72 -8.83 19.09
C LEU B 169 -8.75 -10.21 18.43
N PRO B 170 -9.90 -10.59 17.84
CA PRO B 170 -10.09 -11.88 17.17
C PRO B 170 -10.05 -11.75 15.63
N SER B 171 -10.47 -12.81 14.94
CA SER B 171 -10.51 -12.81 13.47
C SER B 171 -11.54 -11.75 13.07
N SER B 172 -11.83 -11.66 11.77
CA SER B 172 -12.81 -10.70 11.26
C SER B 172 -12.66 -9.34 11.99
N PRO B 173 -13.71 -8.48 12.01
CA PRO B 173 -15.06 -8.53 11.45
C PRO B 173 -15.16 -7.77 10.13
N GLY B 174 -16.16 -8.09 9.33
CA GLY B 174 -16.31 -7.44 8.05
C GLY B 174 -15.72 -8.34 7.00
N VAL B 175 -15.34 -9.54 7.41
CA VAL B 175 -14.77 -10.53 6.50
C VAL B 175 -15.76 -11.67 6.38
N PRO B 176 -16.28 -11.88 5.16
CA PRO B 176 -17.26 -12.95 4.92
C PRO B 176 -16.70 -14.32 5.31
N LYS B 177 -17.53 -15.15 5.94
CA LYS B 177 -17.10 -16.49 6.36
C LYS B 177 -16.58 -17.25 5.15
N LYS B 178 -17.22 -17.04 4.00
CA LYS B 178 -16.82 -17.67 2.75
C LYS B 178 -15.32 -17.47 2.54
N THR B 179 -14.86 -16.27 2.91
CA THR B 179 -13.46 -15.89 2.79
C THR B 179 -12.53 -16.82 3.56
N THR B 180 -12.49 -16.60 4.87
CA THR B 180 -11.65 -17.34 5.78
C THR B 180 -11.80 -18.86 5.72
N ALA B 181 -12.74 -19.35 4.94
CA ALA B 181 -12.92 -20.80 4.84
C ALA B 181 -11.76 -21.46 4.10
N ASN B 182 -11.30 -20.83 3.01
CA ASN B 182 -10.18 -21.37 2.23
C ASN B 182 -8.83 -21.13 2.88
N THR B 183 -8.83 -20.74 4.15
CA THR B 183 -7.60 -20.48 4.86
C THR B 183 -7.45 -21.50 5.96
N LEU B 184 -6.46 -22.36 5.83
CA LEU B 184 -6.20 -23.39 6.82
C LEU B 184 -5.11 -22.92 7.78
N THR B 185 -5.46 -22.87 9.05
CA THR B 185 -4.54 -22.45 10.10
C THR B 185 -3.94 -23.65 10.81
N THR B 186 -2.78 -23.45 11.42
CA THR B 186 -2.09 -24.51 12.13
C THR B 186 -1.02 -23.94 13.08
N PRO B 187 -0.71 -24.68 14.16
CA PRO B 187 0.30 -24.21 15.12
C PRO B 187 1.69 -24.16 14.49
N TYR B 188 2.47 -23.16 14.88
CA TYR B 188 3.83 -22.99 14.35
C TYR B 188 4.73 -24.12 14.81
N ASN B 189 5.77 -24.42 14.03
CA ASN B 189 6.71 -25.48 14.41
C ASN B 189 6.06 -26.84 14.61
N ASP B 190 5.03 -27.13 13.82
CA ASP B 190 4.28 -28.37 13.94
C ASP B 190 4.08 -29.03 12.57
N LEU B 191 5.06 -29.81 12.12
CA LEU B 191 4.96 -30.47 10.83
C LEU B 191 3.76 -31.42 10.75
N GLU B 192 3.52 -32.17 11.82
CA GLU B 192 2.41 -33.10 11.84
C GLU B 192 1.08 -32.42 11.64
N ALA B 193 0.90 -31.29 12.29
CA ALA B 193 -0.34 -30.52 12.18
C ALA B 193 -0.56 -30.15 10.71
N VAL B 194 0.54 -29.86 10.02
CA VAL B 194 0.49 -29.51 8.60
C VAL B 194 0.20 -30.75 7.78
N LYS B 195 0.90 -31.85 8.09
CA LYS B 195 0.73 -33.10 7.37
C LYS B 195 -0.72 -33.57 7.41
N ALA B 196 -1.42 -33.24 8.49
CA ALA B 196 -2.82 -33.63 8.61
C ALA B 196 -3.73 -32.75 7.76
N LEU B 197 -3.41 -31.46 7.68
CA LEU B 197 -4.23 -30.55 6.89
C LEU B 197 -4.25 -30.92 5.42
N PHE B 198 -3.18 -31.56 4.95
CA PHE B 198 -3.13 -31.99 3.56
C PHE B 198 -3.95 -33.26 3.35
N ALA B 199 -4.06 -34.07 4.41
CA ALA B 199 -4.82 -35.30 4.33
C ALA B 199 -6.32 -35.00 4.37
N GLU B 200 -6.72 -34.07 5.24
CA GLU B 200 -8.12 -33.71 5.35
C GLU B 200 -8.60 -32.96 4.11
N ASN B 201 -7.68 -32.31 3.40
CA ASN B 201 -8.05 -31.54 2.23
C ASN B 201 -7.22 -31.92 1.00
N PRO B 202 -7.32 -33.18 0.54
CA PRO B 202 -6.56 -33.64 -0.63
C PRO B 202 -6.86 -32.88 -1.93
N GLY B 203 -5.79 -32.46 -2.61
CA GLY B 203 -5.92 -31.75 -3.87
C GLY B 203 -6.50 -30.35 -3.77
N GLU B 204 -6.71 -29.88 -2.55
CA GLU B 204 -7.30 -28.57 -2.33
C GLU B 204 -6.35 -27.48 -1.79
N ILE B 205 -5.21 -27.89 -1.23
CA ILE B 205 -4.26 -26.94 -0.67
C ILE B 205 -3.23 -26.46 -1.70
N ALA B 206 -3.31 -25.18 -2.02
CA ALA B 206 -2.41 -24.55 -2.99
C ALA B 206 -0.98 -24.46 -2.47
N GLY B 207 -0.84 -24.20 -1.17
CA GLY B 207 0.49 -24.08 -0.59
C GLY B 207 0.47 -23.59 0.85
N VAL B 208 1.67 -23.40 1.40
CA VAL B 208 1.82 -22.93 2.76
C VAL B 208 2.60 -21.63 2.77
N ILE B 209 2.12 -20.68 3.58
CA ILE B 209 2.77 -19.38 3.74
C ILE B 209 3.14 -19.25 5.20
N LEU B 210 4.25 -18.61 5.50
CA LEU B 210 4.70 -18.47 6.88
C LEU B 210 5.87 -17.51 6.98
N GLU B 211 6.20 -17.12 8.20
CA GLU B 211 7.34 -16.25 8.43
C GLU B 211 8.48 -17.22 8.65
N PRO B 212 9.50 -17.22 7.78
CA PRO B 212 10.64 -18.14 7.93
C PRO B 212 11.19 -18.07 9.37
N ILE B 213 10.91 -16.94 10.02
CA ILE B 213 11.26 -16.70 11.41
C ILE B 213 10.15 -15.75 11.87
N VAL B 214 9.53 -16.09 12.99
CA VAL B 214 8.45 -15.25 13.49
C VAL B 214 8.91 -13.98 14.20
N GLY B 215 8.15 -12.92 14.00
CA GLY B 215 8.45 -11.65 14.63
C GLY B 215 7.14 -11.05 15.12
N ASN B 216 6.02 -11.61 14.65
CA ASN B 216 4.70 -11.12 15.02
C ASN B 216 3.99 -11.86 16.16
N SER B 217 4.77 -12.52 17.00
CA SER B 217 4.20 -13.23 18.14
C SER B 217 5.32 -13.22 19.15
N GLY B 218 6.26 -12.31 18.92
CA GLY B 218 7.43 -12.22 19.75
C GLY B 218 8.44 -12.90 18.84
N PHE B 219 9.69 -13.02 19.25
CA PHE B 219 10.69 -13.68 18.41
C PHE B 219 10.54 -15.20 18.53
N ILE B 220 10.36 -15.87 17.41
CA ILE B 220 10.20 -17.34 17.38
C ILE B 220 10.92 -17.91 16.19
N VAL B 221 11.91 -18.76 16.44
CA VAL B 221 12.67 -19.36 15.34
C VAL B 221 12.21 -20.78 15.08
N PRO B 222 12.35 -21.25 13.82
CA PRO B 222 11.95 -22.60 13.48
C PRO B 222 12.84 -23.66 14.12
N ASP B 223 12.25 -24.80 14.45
CA ASP B 223 12.97 -25.93 15.04
C ASP B 223 13.68 -26.67 13.91
N ALA B 224 14.61 -27.54 14.26
CA ALA B 224 15.35 -28.31 13.26
C ALA B 224 14.40 -29.09 12.35
N GLY B 225 14.64 -29.02 11.05
CA GLY B 225 13.83 -29.75 10.09
C GLY B 225 12.41 -29.25 9.82
N PHE B 226 12.00 -28.17 10.49
CA PHE B 226 10.66 -27.63 10.27
C PHE B 226 10.53 -27.01 8.88
N LEU B 227 11.41 -26.06 8.56
CA LEU B 227 11.35 -25.44 7.25
C LEU B 227 11.67 -26.49 6.20
N GLU B 228 12.76 -27.23 6.43
CA GLU B 228 13.19 -28.28 5.52
C GLU B 228 12.00 -29.19 5.27
N GLY B 229 11.23 -29.42 6.34
CA GLY B 229 10.05 -30.27 6.27
C GLY B 229 8.88 -29.68 5.50
N LEU B 230 8.63 -28.40 5.69
CA LEU B 230 7.54 -27.75 4.98
C LEU B 230 7.84 -27.77 3.48
N ARG B 231 9.11 -27.92 3.14
CA ARG B 231 9.53 -27.95 1.75
C ARG B 231 9.28 -29.33 1.15
N GLU B 232 9.41 -30.36 1.97
CA GLU B 232 9.21 -31.72 1.50
C GLU B 232 7.74 -32.03 1.28
N ILE B 233 6.91 -31.70 2.27
CA ILE B 233 5.49 -31.96 2.16
C ILE B 233 4.79 -31.15 1.08
N THR B 234 5.20 -29.90 0.86
CA THR B 234 4.57 -29.11 -0.19
C THR B 234 4.90 -29.75 -1.54
N LEU B 235 6.18 -30.05 -1.78
CA LEU B 235 6.59 -30.69 -3.02
C LEU B 235 5.77 -31.95 -3.24
N GLU B 236 5.71 -32.78 -2.19
CA GLU B 236 4.95 -34.04 -2.22
C GLU B 236 3.55 -33.90 -2.79
N HIS B 237 2.86 -32.83 -2.42
CA HIS B 237 1.50 -32.59 -2.91
C HIS B 237 1.50 -31.53 -4.00
N ASP B 238 2.65 -31.33 -4.63
CA ASP B 238 2.78 -30.32 -5.67
C ASP B 238 2.04 -29.05 -5.29
N ALA B 239 2.48 -28.46 -4.17
CA ALA B 239 1.91 -27.22 -3.65
C ALA B 239 3.05 -26.26 -3.43
N LEU B 240 2.74 -24.97 -3.46
CA LEU B 240 3.75 -23.94 -3.29
C LEU B 240 4.14 -23.70 -1.84
N LEU B 241 5.40 -23.29 -1.64
CA LEU B 241 5.90 -22.94 -0.33
C LEU B 241 6.21 -21.45 -0.40
N VAL B 242 5.54 -20.67 0.45
CA VAL B 242 5.75 -19.24 0.44
C VAL B 242 6.38 -18.70 1.72
N PHE B 243 7.40 -17.87 1.54
CA PHE B 243 8.11 -17.25 2.64
C PHE B 243 7.78 -15.76 2.69
N ASP B 244 7.16 -15.35 3.79
CA ASP B 244 6.84 -13.95 3.98
C ASP B 244 8.06 -13.36 4.68
N GLU B 245 8.98 -12.82 3.90
CA GLU B 245 10.19 -12.21 4.45
C GLU B 245 10.09 -10.69 4.53
N VAL B 246 8.88 -10.18 4.76
CA VAL B 246 8.69 -8.73 4.87
C VAL B 246 9.51 -8.18 6.02
N MET B 247 9.43 -8.86 7.16
CA MET B 247 10.19 -8.45 8.34
C MET B 247 11.63 -8.95 8.30
N THR B 248 11.79 -10.24 7.98
CA THR B 248 13.10 -10.89 7.95
C THR B 248 13.99 -10.56 6.75
N GLY B 249 13.36 -10.28 5.62
CA GLY B 249 14.10 -9.96 4.41
C GLY B 249 15.16 -8.91 4.65
N PHE B 250 16.37 -9.19 4.18
CA PHE B 250 17.51 -8.29 4.32
C PHE B 250 17.87 -7.95 5.75
N ARG B 251 17.39 -8.72 6.72
CA ARG B 251 17.72 -8.44 8.12
C ARG B 251 18.38 -9.64 8.78
N ILE B 252 17.76 -10.80 8.68
CA ILE B 252 18.31 -12.02 9.26
C ILE B 252 19.60 -12.37 8.48
N ALA B 253 19.65 -11.89 7.25
CA ALA B 253 20.77 -12.10 6.33
C ALA B 253 20.45 -11.35 5.02
N TYR B 254 21.45 -11.10 4.19
CA TYR B 254 21.21 -10.41 2.94
C TYR B 254 20.13 -11.13 2.15
N GLY B 255 20.26 -12.46 2.05
CA GLY B 255 19.30 -13.25 1.31
C GLY B 255 18.14 -13.73 2.15
N GLY B 256 17.97 -13.14 3.34
CA GLY B 256 16.88 -13.51 4.22
C GLY B 256 17.05 -14.87 4.88
N VAL B 257 15.98 -15.39 5.47
CA VAL B 257 16.05 -16.68 6.14
C VAL B 257 16.34 -17.82 5.17
N GLN B 258 15.82 -17.73 3.96
CA GLN B 258 16.05 -18.77 2.98
C GLN B 258 17.50 -18.96 2.62
N GLU B 259 18.31 -17.91 2.73
CA GLU B 259 19.73 -18.01 2.41
C GLU B 259 20.48 -18.52 3.63
N LYS B 260 20.11 -18.03 4.81
CA LYS B 260 20.79 -18.42 6.03
C LYS B 260 20.57 -19.87 6.42
N PHE B 261 19.32 -20.33 6.32
CA PHE B 261 18.99 -21.70 6.69
C PHE B 261 18.84 -22.61 5.48
N GLY B 262 19.38 -22.16 4.36
CA GLY B 262 19.35 -22.91 3.11
C GLY B 262 18.07 -23.61 2.66
N VAL B 263 16.94 -22.95 2.79
CA VAL B 263 15.68 -23.54 2.34
C VAL B 263 15.08 -22.61 1.29
N THR B 264 14.96 -23.10 0.06
CA THR B 264 14.44 -22.29 -1.02
C THR B 264 12.94 -22.48 -1.32
N PRO B 265 12.14 -21.41 -1.18
CA PRO B 265 10.70 -21.50 -1.45
C PRO B 265 10.36 -21.20 -2.91
N ASP B 266 9.09 -21.36 -3.25
CA ASP B 266 8.66 -21.09 -4.61
C ASP B 266 8.47 -19.58 -4.80
N LEU B 267 7.86 -18.95 -3.80
CA LEU B 267 7.57 -17.52 -3.82
C LEU B 267 7.95 -16.91 -2.49
N THR B 268 8.28 -15.62 -2.50
CA THR B 268 8.62 -14.91 -1.26
C THR B 268 8.26 -13.43 -1.31
N THR B 269 7.72 -12.92 -0.20
CA THR B 269 7.33 -11.52 -0.12
C THR B 269 8.38 -10.73 0.63
N LEU B 270 8.53 -9.46 0.24
CA LEU B 270 9.48 -8.56 0.85
C LEU B 270 8.84 -7.22 1.12
N GLY B 271 9.52 -6.39 1.91
CA GLY B 271 9.00 -5.09 2.24
C GLY B 271 9.93 -4.43 3.23
N LYS B 272 9.39 -3.50 4.00
CA LYS B 272 10.13 -2.76 5.01
C LYS B 272 11.53 -2.26 4.62
N ILE B 273 12.56 -3.05 4.86
CA ILE B 273 13.93 -2.64 4.52
C ILE B 273 14.16 -2.20 3.07
N ILE B 274 13.55 -2.87 2.10
CA ILE B 274 13.78 -2.48 0.72
C ILE B 274 13.17 -1.12 0.39
N GLY B 275 12.46 -0.53 1.33
CA GLY B 275 11.88 0.78 1.11
C GLY B 275 12.77 1.85 1.68
N GLY B 276 13.76 1.41 2.45
CA GLY B 276 14.71 2.31 3.06
C GLY B 276 14.05 3.40 3.87
N GLY B 277 12.75 3.24 4.15
CA GLY B 277 12.04 4.23 4.92
C GLY B 277 10.84 4.80 4.21
N LEU B 278 10.53 4.22 3.05
CA LEU B 278 9.40 4.63 2.25
C LEU B 278 8.50 3.42 2.05
N PRO B 279 7.23 3.65 1.69
CA PRO B 279 6.27 2.57 1.48
C PRO B 279 6.67 1.75 0.26
N VAL B 280 7.14 0.53 0.49
CA VAL B 280 7.56 -0.32 -0.62
C VAL B 280 7.24 -1.75 -0.29
N GLY B 281 7.03 -2.55 -1.33
CA GLY B 281 6.75 -3.95 -1.11
C GLY B 281 7.20 -4.68 -2.34
N ALA B 282 7.21 -6.01 -2.27
CA ALA B 282 7.61 -6.80 -3.43
C ALA B 282 7.32 -8.27 -3.21
N TYR B 283 6.86 -8.93 -4.27
CA TYR B 283 6.62 -10.37 -4.24
C TYR B 283 7.26 -10.91 -5.49
N GLY B 284 8.06 -11.96 -5.32
CA GLY B 284 8.74 -12.54 -6.47
C GLY B 284 9.12 -13.99 -6.27
N GLY B 285 9.99 -14.48 -7.15
CA GLY B 285 10.43 -15.85 -7.02
C GLY B 285 10.57 -16.61 -8.34
N LYS B 286 10.18 -17.88 -8.29
CA LYS B 286 10.25 -18.78 -9.44
C LYS B 286 9.62 -18.21 -10.70
N ARG B 287 10.50 -17.91 -11.64
CA ARG B 287 10.19 -17.35 -12.96
C ARG B 287 8.88 -17.81 -13.57
N GLU B 288 8.76 -19.12 -13.77
CA GLU B 288 7.59 -19.72 -14.36
C GLU B 288 6.30 -19.51 -13.57
N ILE B 289 6.39 -18.98 -12.36
CA ILE B 289 5.19 -18.76 -11.57
C ILE B 289 4.81 -17.28 -11.71
N MET B 290 5.83 -16.44 -11.79
CA MET B 290 5.66 -15.01 -11.91
C MET B 290 5.06 -14.63 -13.25
N GLN B 291 5.39 -15.37 -14.30
CA GLN B 291 4.85 -15.07 -15.62
C GLN B 291 3.32 -14.99 -15.65
N LEU B 292 2.66 -15.43 -14.58
CA LEU B 292 1.20 -15.39 -14.52
C LEU B 292 0.74 -14.01 -14.10
N VAL B 293 1.70 -13.19 -13.71
CA VAL B 293 1.42 -11.84 -13.26
C VAL B 293 1.24 -10.90 -14.45
N ALA B 294 0.14 -10.15 -14.45
CA ALA B 294 -0.17 -9.20 -15.51
C ALA B 294 0.93 -8.13 -15.61
N PRO B 295 1.25 -7.69 -16.83
CA PRO B 295 0.70 -8.06 -18.15
C PRO B 295 1.34 -9.29 -18.81
N ALA B 296 2.10 -10.07 -18.05
CA ALA B 296 2.73 -11.25 -18.59
C ALA B 296 1.71 -12.40 -18.57
N GLY B 297 0.99 -12.51 -17.45
CA GLY B 297 -0.01 -13.55 -17.31
C GLY B 297 -1.40 -12.99 -17.05
N PRO B 298 -2.40 -13.85 -16.80
CA PRO B 298 -3.80 -13.50 -16.54
C PRO B 298 -4.10 -12.98 -15.14
N MET B 299 -3.19 -13.21 -14.20
CA MET B 299 -3.41 -12.76 -12.84
C MET B 299 -3.27 -11.25 -12.71
N TYR B 300 -4.41 -10.56 -12.61
CA TYR B 300 -4.38 -9.12 -12.48
C TYR B 300 -3.87 -8.61 -11.13
N GLN B 301 -3.01 -7.60 -11.19
CA GLN B 301 -2.46 -6.96 -10.01
C GLN B 301 -1.84 -5.66 -10.48
N ALA B 302 -2.32 -4.56 -9.90
CA ALA B 302 -1.84 -3.25 -10.27
C ALA B 302 -1.44 -2.41 -9.08
N GLY B 303 -0.73 -1.32 -9.35
CA GLY B 303 -0.26 -0.39 -8.33
C GLY B 303 0.09 0.93 -8.99
N THR B 304 -0.41 2.04 -8.46
CA THR B 304 -0.16 3.36 -9.06
C THR B 304 1.20 3.96 -8.75
N LEU B 305 1.55 3.98 -7.47
CA LEU B 305 2.83 4.55 -7.06
C LEU B 305 3.91 3.48 -7.03
N SER B 306 3.61 2.31 -7.58
CA SER B 306 4.55 1.20 -7.58
C SER B 306 5.80 1.50 -8.39
N GLY B 307 6.94 1.10 -7.84
CA GLY B 307 8.22 1.33 -8.50
C GLY B 307 8.60 2.78 -8.63
N ASN B 308 8.01 3.65 -7.82
CA ASN B 308 8.31 5.09 -7.89
C ASN B 308 9.80 5.36 -7.52
N PRO B 309 10.42 6.30 -8.26
CA PRO B 309 11.82 6.74 -8.15
C PRO B 309 12.39 6.82 -6.74
N LEU B 310 11.68 7.52 -5.85
CA LEU B 310 12.10 7.72 -4.47
C LEU B 310 12.29 6.41 -3.73
N ALA B 311 11.25 5.57 -3.76
CA ALA B 311 11.31 4.28 -3.08
C ALA B 311 12.39 3.39 -3.70
N MET B 312 12.47 3.38 -5.03
CA MET B 312 13.48 2.57 -5.73
C MET B 312 14.88 3.03 -5.38
N THR B 313 15.03 4.32 -5.07
CA THR B 313 16.31 4.91 -4.70
C THR B 313 16.67 4.55 -3.26
N ALA B 314 15.72 4.75 -2.36
CA ALA B 314 15.93 4.45 -0.95
C ALA B 314 16.34 2.99 -0.82
N GLY B 315 15.66 2.13 -1.57
CA GLY B 315 15.97 0.71 -1.55
C GLY B 315 17.33 0.37 -2.13
N ILE B 316 17.66 0.96 -3.28
CA ILE B 316 18.97 0.72 -3.90
C ILE B 316 20.10 1.05 -2.93
N LYS B 317 20.06 2.28 -2.41
CA LYS B 317 21.06 2.78 -1.48
C LYS B 317 21.11 1.96 -0.19
N THR B 318 19.98 1.49 0.26
CA THR B 318 19.92 0.71 1.49
C THR B 318 20.61 -0.65 1.31
N LEU B 319 20.31 -1.36 0.22
CA LEU B 319 20.95 -2.64 -0.01
C LEU B 319 22.44 -2.47 -0.25
N GLU B 320 22.83 -1.34 -0.84
CA GLU B 320 24.24 -1.09 -1.10
C GLU B 320 25.02 -0.96 0.19
N LEU B 321 24.44 -0.28 1.18
CA LEU B 321 25.09 -0.11 2.46
C LEU B 321 25.21 -1.47 3.12
N LEU B 322 24.19 -2.29 2.92
CA LEU B 322 24.16 -3.63 3.49
C LEU B 322 25.12 -4.62 2.83
N ARG B 323 25.67 -4.27 1.67
CA ARG B 323 26.61 -5.18 1.02
C ARG B 323 28.02 -5.00 1.52
N GLN B 324 28.22 -4.00 2.37
CA GLN B 324 29.53 -3.72 2.94
C GLN B 324 29.96 -4.87 3.85
N PRO B 325 31.28 -5.08 3.97
CA PRO B 325 31.78 -6.15 4.83
C PRO B 325 31.56 -5.86 6.31
N GLY B 326 31.21 -6.91 7.08
CA GLY B 326 30.99 -6.75 8.51
C GLY B 326 29.57 -6.37 8.92
N THR B 327 28.75 -6.03 7.94
CA THR B 327 27.35 -5.64 8.15
C THR B 327 26.61 -6.55 9.11
N TYR B 328 26.29 -7.75 8.62
CA TYR B 328 25.56 -8.71 9.41
C TYR B 328 26.35 -9.25 10.58
N GLU B 329 27.66 -9.38 10.40
CA GLU B 329 28.51 -9.85 11.48
C GLU B 329 28.38 -8.91 12.67
N TYR B 330 28.45 -7.61 12.41
CA TYR B 330 28.31 -6.60 13.47
C TYR B 330 26.94 -6.66 14.11
N LEU B 331 25.90 -6.75 13.28
CA LEU B 331 24.55 -6.81 13.79
C LEU B 331 24.37 -7.97 14.75
N ASP B 332 24.78 -9.17 14.34
CA ASP B 332 24.64 -10.35 15.19
C ASP B 332 25.51 -10.20 16.43
N GLN B 333 26.66 -9.57 16.28
CA GLN B 333 27.56 -9.34 17.38
C GLN B 333 26.86 -8.58 18.53
N ILE B 334 26.40 -7.36 18.25
CA ILE B 334 25.74 -6.55 19.28
C ILE B 334 24.38 -7.09 19.69
N THR B 335 23.66 -7.70 18.75
CA THR B 335 22.34 -8.23 19.06
C THR B 335 22.46 -9.41 20.02
N LYS B 336 23.60 -10.10 19.95
CA LYS B 336 23.83 -11.24 20.83
C LYS B 336 24.14 -10.69 22.24
N ARG B 337 24.84 -9.56 22.29
CA ARG B 337 25.19 -8.92 23.56
C ARG B 337 23.95 -8.48 24.33
N LEU B 338 23.00 -7.88 23.63
CA LEU B 338 21.77 -7.39 24.27
C LEU B 338 20.90 -8.54 24.75
N SER B 339 20.64 -9.51 23.87
CA SER B 339 19.82 -10.66 24.21
C SER B 339 20.40 -11.41 25.40
N ASP B 340 21.62 -11.91 25.28
CA ASP B 340 22.24 -12.63 26.38
C ASP B 340 22.20 -11.77 27.64
N GLY B 341 22.60 -10.52 27.49
CA GLY B 341 22.62 -9.61 28.63
C GLY B 341 21.26 -9.31 29.23
N LEU B 342 20.24 -9.39 28.40
CA LEU B 342 18.88 -9.11 28.84
C LEU B 342 18.34 -10.29 29.64
N LEU B 343 18.66 -11.49 29.18
CA LEU B 343 18.22 -12.71 29.83
C LEU B 343 19.07 -12.95 31.06
N ALA B 344 20.28 -12.39 31.04
CA ALA B 344 21.19 -12.52 32.17
C ALA B 344 20.64 -11.65 33.29
N ILE B 345 20.18 -10.45 32.95
CA ILE B 345 19.63 -9.53 33.94
C ILE B 345 18.34 -10.02 34.60
N ALA B 346 17.46 -10.61 33.80
CA ALA B 346 16.19 -11.12 34.31
C ALA B 346 16.44 -12.29 35.27
N GLN B 347 17.44 -13.09 34.94
CA GLN B 347 17.79 -14.24 35.76
C GLN B 347 18.22 -13.74 37.15
N GLU B 348 18.96 -12.62 37.17
CA GLU B 348 19.42 -12.03 38.42
C GLU B 348 18.29 -11.42 39.24
N THR B 349 17.36 -10.74 38.59
CA THR B 349 16.25 -10.14 39.34
C THR B 349 15.16 -11.18 39.62
N GLY B 350 15.44 -12.43 39.26
CA GLY B 350 14.50 -13.51 39.51
C GLY B 350 13.17 -13.42 38.76
N HIS B 351 13.24 -13.06 37.49
CA HIS B 351 12.05 -12.96 36.65
C HIS B 351 12.14 -14.01 35.56
N ALA B 352 11.09 -14.82 35.42
CA ALA B 352 11.06 -15.85 34.40
C ALA B 352 11.07 -15.16 33.03
N ALA B 353 11.94 -15.60 32.14
CA ALA B 353 12.06 -15.01 30.83
C ALA B 353 12.86 -15.88 29.88
N CYS B 354 12.61 -15.71 28.60
CA CYS B 354 13.32 -16.46 27.58
C CYS B 354 13.50 -15.51 26.41
N GLY B 355 14.72 -15.48 25.88
CA GLY B 355 15.00 -14.62 24.75
C GLY B 355 15.56 -15.44 23.62
N GLY B 356 16.35 -14.80 22.77
CA GLY B 356 16.95 -15.48 21.63
C GLY B 356 17.10 -14.48 20.52
N GLN B 357 17.87 -14.80 19.49
CA GLN B 357 18.05 -13.87 18.39
C GLN B 357 18.86 -14.41 17.21
N VAL B 358 18.54 -13.91 16.02
CA VAL B 358 19.23 -14.29 14.81
C VAL B 358 19.51 -12.97 14.09
N SER B 359 20.76 -12.52 14.16
CA SER B 359 21.19 -11.27 13.55
C SER B 359 20.56 -10.12 14.32
N GLY B 360 20.36 -8.98 13.65
CA GLY B 360 19.78 -7.82 14.31
C GLY B 360 18.28 -7.91 14.54
N MET B 361 17.86 -9.02 15.14
CA MET B 361 16.47 -9.28 15.44
C MET B 361 16.49 -10.16 16.69
N PHE B 362 15.62 -9.88 17.65
CA PHE B 362 15.59 -10.65 18.90
C PHE B 362 14.21 -10.73 19.53
N GLY B 363 14.18 -11.24 20.77
CA GLY B 363 12.92 -11.38 21.49
C GLY B 363 13.12 -11.52 22.99
N PHE B 364 12.11 -11.13 23.75
CA PHE B 364 12.24 -11.22 25.19
C PHE B 364 10.84 -11.39 25.80
N PHE B 365 10.53 -12.62 26.19
CA PHE B 365 9.24 -12.94 26.79
C PHE B 365 9.27 -13.10 28.32
N PHE B 366 8.25 -12.57 28.99
CA PHE B 366 8.18 -12.73 30.42
C PHE B 366 7.46 -14.04 30.68
N THR B 367 8.25 -15.10 30.63
CA THR B 367 7.80 -16.47 30.82
C THR B 367 9.10 -17.22 30.52
N GLU B 368 9.34 -18.33 31.19
CA GLU B 368 10.60 -19.04 30.98
C GLU B 368 10.64 -19.80 29.69
N GLY B 369 9.47 -20.17 29.18
CA GLY B 369 9.42 -20.91 27.93
C GLY B 369 9.66 -22.38 28.16
N PRO B 370 10.25 -23.09 27.18
CA PRO B 370 10.67 -22.58 25.87
C PRO B 370 9.50 -22.25 24.94
N VAL B 371 9.65 -21.17 24.18
CA VAL B 371 8.60 -20.74 23.25
C VAL B 371 8.83 -21.25 21.83
N HIS B 372 7.87 -22.01 21.32
CA HIS B 372 7.95 -22.57 19.96
C HIS B 372 6.78 -22.11 19.09
N ASN B 373 5.70 -21.68 19.73
CA ASN B 373 4.54 -21.25 18.98
C ASN B 373 3.82 -20.15 19.74
N TYR B 374 2.75 -19.64 19.12
CA TYR B 374 1.96 -18.57 19.72
C TYR B 374 1.46 -18.91 21.10
N GLU B 375 0.96 -20.15 21.28
CA GLU B 375 0.46 -20.60 22.58
C GLU B 375 1.56 -20.43 23.62
N ASP B 376 2.71 -21.05 23.39
CA ASP B 376 3.82 -20.93 24.32
C ASP B 376 4.05 -19.46 24.67
N ALA B 377 4.14 -18.62 23.64
CA ALA B 377 4.39 -17.20 23.80
C ALA B 377 3.30 -16.49 24.60
N LYS B 378 2.06 -16.94 24.43
CA LYS B 378 0.93 -16.32 25.11
C LYS B 378 0.99 -16.47 26.62
N LYS B 379 1.89 -17.30 27.11
CA LYS B 379 1.98 -17.49 28.55
C LYS B 379 2.73 -16.35 29.22
N SER B 380 3.28 -15.44 28.42
CA SER B 380 4.02 -14.29 28.95
C SER B 380 3.18 -13.46 29.91
N ASP B 381 3.79 -13.01 30.99
CA ASP B 381 3.11 -12.17 31.97
C ASP B 381 2.98 -10.79 31.33
N LEU B 382 1.82 -10.51 30.75
CA LEU B 382 1.59 -9.24 30.09
C LEU B 382 1.59 -8.03 31.02
N GLN B 383 1.09 -8.20 32.24
CA GLN B 383 1.08 -7.12 33.20
C GLN B 383 2.51 -6.70 33.51
N LYS B 384 3.40 -7.67 33.49
CA LYS B 384 4.81 -7.43 33.77
C LYS B 384 5.41 -6.61 32.65
N PHE B 385 5.33 -7.15 31.44
CA PHE B 385 5.85 -6.47 30.26
C PHE B 385 5.40 -5.02 30.24
N SER B 386 4.16 -4.80 30.64
CA SER B 386 3.56 -3.47 30.66
C SER B 386 4.37 -2.54 31.53
N ARG B 387 4.59 -2.95 32.79
CA ARG B 387 5.37 -2.16 33.72
C ARG B 387 6.82 -2.08 33.26
N PHE B 388 7.28 -3.14 32.60
CA PHE B 388 8.65 -3.17 32.11
C PHE B 388 8.82 -2.20 30.97
N HIS B 389 7.84 -2.18 30.06
CA HIS B 389 7.91 -1.29 28.90
C HIS B 389 7.86 0.17 29.31
N ARG B 390 6.98 0.50 30.24
CA ARG B 390 6.89 1.87 30.68
C ARG B 390 8.18 2.21 31.39
N GLY B 391 8.73 1.23 32.10
CA GLY B 391 9.98 1.46 32.81
C GLY B 391 11.09 1.88 31.88
N MET B 392 11.41 1.01 30.93
CA MET B 392 12.46 1.30 29.97
C MET B 392 12.27 2.69 29.39
N LEU B 393 11.04 3.02 29.01
CA LEU B 393 10.72 4.32 28.44
C LEU B 393 11.28 5.47 29.27
N GLU B 394 11.04 5.44 30.58
CA GLU B 394 11.51 6.48 31.48
C GLU B 394 13.03 6.48 31.63
N GLN B 395 13.65 5.34 31.33
CA GLN B 395 15.10 5.24 31.43
C GLN B 395 15.74 5.59 30.10
N GLY B 396 14.90 5.95 29.13
CA GLY B 396 15.42 6.35 27.84
C GLY B 396 15.61 5.22 26.85
N ILE B 397 14.70 4.26 26.86
CA ILE B 397 14.78 3.13 25.95
C ILE B 397 13.43 2.97 25.29
N TYR B 398 13.40 2.92 23.96
CA TYR B 398 12.14 2.76 23.25
C TYR B 398 12.00 1.34 22.72
N LEU B 399 11.08 0.58 23.29
CA LEU B 399 10.83 -0.80 22.87
C LEU B 399 9.43 -0.97 22.30
N ALA B 400 9.26 -1.97 21.43
CA ALA B 400 7.96 -2.22 20.83
C ALA B 400 6.89 -2.30 21.91
N PRO B 401 5.89 -1.41 21.88
CA PRO B 401 4.81 -1.42 22.88
C PRO B 401 3.96 -2.68 22.86
N SER B 402 4.60 -3.84 22.81
CA SER B 402 3.91 -5.13 22.78
C SER B 402 4.87 -6.28 23.07
N GLN B 403 4.35 -7.32 23.72
CA GLN B 403 5.17 -8.48 24.03
C GLN B 403 5.31 -9.35 22.81
N PHE B 404 4.34 -9.25 21.91
CA PHE B 404 4.33 -10.05 20.69
C PHE B 404 4.94 -9.37 19.47
N GLU B 405 6.02 -8.64 19.67
CA GLU B 405 6.70 -7.97 18.57
C GLU B 405 8.20 -8.17 18.72
N ALA B 406 8.84 -8.65 17.66
CA ALA B 406 10.28 -8.88 17.69
C ALA B 406 11.02 -7.55 17.89
N GLY B 407 12.23 -7.64 18.42
CA GLY B 407 13.02 -6.44 18.64
C GLY B 407 13.97 -6.26 17.47
N PHE B 408 14.43 -5.04 17.25
CA PHE B 408 15.33 -4.80 16.13
C PHE B 408 16.51 -3.91 16.49
N THR B 409 17.63 -4.12 15.81
CA THR B 409 18.80 -3.30 16.02
C THR B 409 19.21 -2.81 14.65
N SER B 410 20.12 -1.83 14.61
CA SER B 410 20.59 -1.28 13.34
C SER B 410 22.10 -1.14 13.39
N LEU B 411 22.68 -0.84 12.22
CA LEU B 411 24.12 -0.67 12.11
C LEU B 411 24.54 0.58 12.84
N ALA B 412 23.57 1.44 13.15
CA ALA B 412 23.85 2.68 13.86
C ALA B 412 23.96 2.53 15.38
N HIS B 413 23.56 1.36 15.89
CA HIS B 413 23.62 1.07 17.33
C HIS B 413 25.06 0.76 17.76
N THR B 414 25.60 1.56 18.66
CA THR B 414 26.97 1.35 19.14
C THR B 414 27.06 0.43 20.35
N GLU B 415 28.29 0.04 20.68
CA GLU B 415 28.54 -0.84 21.83
C GLU B 415 28.04 -0.17 23.10
N GLU B 416 28.12 1.15 23.12
CA GLU B 416 27.69 1.94 24.27
C GLU B 416 26.18 1.87 24.43
N ASP B 417 25.46 2.00 23.32
CA ASP B 417 24.02 1.93 23.37
C ASP B 417 23.60 0.59 23.95
N ILE B 418 24.23 -0.49 23.49
CA ILE B 418 23.90 -1.82 23.99
C ILE B 418 24.11 -1.86 25.50
N ASP B 419 25.24 -1.32 25.95
CA ASP B 419 25.55 -1.30 27.36
C ASP B 419 24.60 -0.39 28.14
N ALA B 420 24.17 0.69 27.51
CA ALA B 420 23.28 1.62 28.19
C ALA B 420 21.88 1.01 28.30
N THR B 421 21.52 0.22 27.31
CA THR B 421 20.22 -0.41 27.32
C THR B 421 20.25 -1.47 28.41
N LEU B 422 21.35 -2.21 28.46
CA LEU B 422 21.53 -3.24 29.46
C LEU B 422 21.46 -2.62 30.85
N ALA B 423 22.02 -1.43 31.01
CA ALA B 423 21.99 -0.76 32.30
C ALA B 423 20.55 -0.47 32.73
N ALA B 424 19.84 0.31 31.92
CA ALA B 424 18.46 0.67 32.22
C ALA B 424 17.57 -0.55 32.47
N ALA B 425 17.85 -1.65 31.76
CA ALA B 425 17.07 -2.87 31.91
C ALA B 425 17.26 -3.44 33.31
N ARG B 426 18.49 -3.39 33.79
CA ARG B 426 18.83 -3.89 35.13
C ARG B 426 18.09 -3.01 36.13
N THR B 427 18.07 -1.70 35.87
CA THR B 427 17.38 -0.78 36.75
C THR B 427 15.90 -1.10 36.80
N VAL B 428 15.26 -1.16 35.63
CA VAL B 428 13.84 -1.44 35.55
C VAL B 428 13.44 -2.77 36.19
N MET B 429 13.98 -3.86 35.68
CA MET B 429 13.64 -5.16 36.21
C MET B 429 13.81 -5.24 37.74
N SER B 430 14.85 -4.58 38.24
CA SER B 430 15.14 -4.58 39.66
C SER B 430 13.99 -4.07 40.50
N ALA B 431 13.22 -3.14 39.94
CA ALA B 431 12.08 -2.57 40.66
C ALA B 431 10.75 -3.09 40.13
N LEU B 432 10.81 -4.05 39.20
CA LEU B 432 9.61 -4.63 38.63
C LEU B 432 8.68 -5.22 39.68
P KE4 C . -3.83 2.35 -6.21
OP1 KE4 C . -3.06 3.49 -5.65
OP2 KE4 C . -3.83 1.13 -5.23
OP3 KE4 C . -3.40 1.56 -7.37
OP4 KE4 C . -5.32 2.84 -6.44
C5A KE4 C . -6.39 2.01 -6.96
C5 KE4 C . -7.51 2.91 -7.35
C6 KE4 C . -8.63 2.92 -6.54
N1 KE4 C . -9.69 3.74 -6.88
C2 KE4 C . -9.66 4.57 -8.00
C2A KE4 C . -10.89 5.46 -8.28
C3 KE4 C . -8.53 4.57 -8.83
O3 KE4 C . -8.49 5.40 -9.96
C4 KE4 C . -7.43 3.73 -8.49
C4A KE4 C . -6.15 3.67 -9.36
N4A KE4 C . -5.91 4.42 -10.51
CA KE4 C . -4.85 4.17 -11.32
C KE4 C . -4.68 5.08 -12.55
N5 KE4 C . -5.97 5.39 -13.17
CB KE4 C . -3.84 3.02 -10.99
CG KE4 C . -2.59 2.94 -11.90
CD KE4 C . -2.52 1.66 -12.77
OE1 KE4 C . -1.55 1.54 -13.56
OE2 KE4 C . -3.42 0.78 -12.66
N1 PLP D . 4.28 -9.60 6.82
C2 PLP D . 5.26 -9.63 7.76
C2A PLP D . 6.05 -10.92 7.99
C3 PLP D . 5.55 -8.51 8.51
O3 PLP D . 6.50 -8.57 9.49
C4 PLP D . 4.84 -7.34 8.31
C4A PLP D . 5.30 -6.04 9.01
C5 PLP D . 3.83 -7.32 7.36
C6 PLP D . 3.56 -8.45 6.62
C5A PLP D . 2.95 -6.08 7.18
O4P PLP D . 3.41 -5.25 6.12
P PLP D . 2.75 -3.79 5.88
O1P PLP D . 3.61 -3.05 4.92
O2P PLP D . 1.38 -4.17 5.12
O3P PLP D . 2.40 -3.19 7.19
N HOZ E . 5.55 -3.94 11.47
CA HOZ E . 4.66 -4.11 12.63
C HOZ E . 4.03 -5.52 12.67
N1 HOZ E . 4.97 -6.66 12.54
CB HOZ E . 3.63 -2.95 12.69
CG HOZ E . 3.97 -1.63 11.95
CD HOZ E . 2.89 -0.55 12.08
OE1 HOZ E . 1.69 -0.88 11.97
OE2 HOZ E . 3.26 0.64 12.30
#